data_7POU
#
_entry.id   7POU
#
_cell.length_a   83.95
_cell.length_b   83.95
_cell.length_c   266.28
_cell.angle_alpha   90
_cell.angle_beta   90
_cell.angle_gamma   90
#
_symmetry.space_group_name_H-M   'P 41 21 2'
#
loop_
_entity.id
_entity.type
_entity.pdbx_description
1 polymer BFT-3
2 non-polymer 'ZINC ION'
3 non-polymer (2S)-5,7-dihydroxy-2-(3-hydroxy-4-methoxyphenyl)-2,3-dihydro-4H-1-benzopyran-4-one
4 non-polymer 'DIMETHYL SULFOXIDE'
5 non-polymer PROLINE
6 water water
#
_entity_poly.entity_id   1
_entity_poly.type   'polypeptide(L)'
_entity_poly.pdbx_seq_one_letter_code
;MGSSHHHHHHSSGENLYFQGAMACSNEADSLTTSIDAPVTASIDLQSVSYTDLATQLNDVSDFGKMIILKDNGFNRQVHV
SMDKRTKIQLDNENVRLFNGRDKDSTNFILGDEFAVLRFYRNGESISYIAYKEAQMMNEIAEFYAAPFKKTRAINEKEAF
ECIYDSRTRSAGKYPVSVKINVDKAKKILNLPECDYINDYIKTPQVPHGITESQTRAVPSEPKTVYVICLRENGSTVYPN
EVSAQMQDAANSVYAVHGLKRYVNLHFVLYTTEYACPSGNADEGLDGFTASLKANPKAEGYDDQIYFLIRWGTWDNNILG
ISWLNSYNVNTASDFKASGMSTTQLMYPGVMAHELGHILGANHADDPKDLMYSKYTGYLFHLSEKNMDIIAKNLGWEIAD
GD
;
_entity_poly.pdbx_strand_id   A,B
#
loop_
_chem_comp.id
_chem_comp.type
_chem_comp.name
_chem_comp.formula
6JP non-polymer (2S)-5,7-dihydroxy-2-(3-hydroxy-4-methoxyphenyl)-2,3-dihydro-4H-1-benzopyran-4-one 'C16 H14 O6'
DMS non-polymer 'DIMETHYL SULFOXIDE' 'C2 H6 O S'
ZN non-polymer 'ZINC ION' 'Zn 2'
#
# COMPACT_ATOMS: atom_id res chain seq x y z
N VAL A 39 16.90 4.99 -21.82
CA VAL A 39 16.06 3.82 -22.12
C VAL A 39 14.73 3.91 -21.36
N THR A 40 13.60 3.80 -22.08
CA THR A 40 12.29 3.85 -21.46
C THR A 40 12.04 2.55 -20.71
N ALA A 41 11.39 2.63 -19.54
CA ALA A 41 11.02 1.47 -18.74
C ALA A 41 10.12 0.54 -19.54
N SER A 42 10.27 -0.78 -19.36
CA SER A 42 9.49 -1.73 -20.12
C SER A 42 9.10 -2.99 -19.33
N ILE A 43 8.02 -3.63 -19.78
CA ILE A 43 7.49 -4.87 -19.26
C ILE A 43 7.45 -5.88 -20.42
N ASP A 44 8.22 -6.96 -20.28
CA ASP A 44 8.27 -8.01 -21.26
C ASP A 44 7.11 -8.98 -21.00
N LEU A 45 6.10 -8.99 -21.87
CA LEU A 45 4.95 -9.86 -21.70
C LEU A 45 5.27 -11.34 -21.93
N GLN A 46 6.47 -11.68 -22.44
CA GLN A 46 6.84 -13.11 -22.56
C GLN A 46 7.47 -13.64 -21.26
N SER A 47 7.76 -12.78 -20.25
CA SER A 47 8.39 -13.24 -19.02
C SER A 47 7.95 -12.42 -17.79
N VAL A 48 6.86 -11.65 -17.89
CA VAL A 48 6.45 -10.75 -16.84
C VAL A 48 6.10 -11.49 -15.50
N SER A 49 6.75 -11.04 -14.43
CA SER A 49 6.57 -11.59 -13.09
C SER A 49 5.98 -10.52 -12.15
N TYR A 50 5.68 -10.91 -10.89
CA TYR A 50 5.19 -9.97 -9.89
C TYR A 50 6.23 -8.88 -9.64
N THR A 51 7.50 -9.28 -9.45
CA THR A 51 8.55 -8.31 -9.16
CA THR A 51 8.55 -8.29 -9.16
C THR A 51 8.72 -7.32 -10.33
N ASP A 52 8.57 -7.77 -11.59
CA ASP A 52 8.67 -6.85 -12.74
C ASP A 52 7.59 -5.76 -12.63
N LEU A 53 6.33 -6.18 -12.41
CA LEU A 53 5.21 -5.26 -12.31
C LEU A 53 5.33 -4.35 -11.08
N ALA A 54 5.66 -4.93 -9.91
CA ALA A 54 5.78 -4.14 -8.70
C ALA A 54 6.88 -3.07 -8.81
N THR A 55 8.08 -3.42 -9.30
CA THR A 55 9.16 -2.43 -9.36
C THR A 55 8.80 -1.29 -10.36
N GLN A 56 8.10 -1.60 -11.45
CA GLN A 56 7.68 -0.58 -12.40
C GLN A 56 6.56 0.30 -11.82
N LEU A 57 5.49 -0.31 -11.28
CA LEU A 57 4.34 0.41 -10.74
C LEU A 57 4.68 1.20 -9.48
N ASN A 58 5.59 0.67 -8.63
CA ASN A 58 6.06 1.41 -7.44
C ASN A 58 6.91 2.62 -7.82
N ASP A 59 7.45 2.67 -9.05
CA ASP A 59 8.21 3.83 -9.50
C ASP A 59 7.27 4.95 -10.07
N VAL A 60 5.97 4.68 -10.23
CA VAL A 60 5.05 5.68 -10.77
C VAL A 60 4.83 6.79 -9.75
N SER A 61 5.32 7.99 -10.05
CA SER A 61 5.13 9.15 -9.19
C SER A 61 3.84 9.93 -9.58
N ASP A 62 3.59 11.09 -8.95
CA ASP A 62 2.42 11.96 -9.20
C ASP A 62 2.30 12.39 -10.64
N PHE A 63 3.43 12.58 -11.32
CA PHE A 63 3.41 13.05 -12.70
C PHE A 63 3.27 11.91 -13.74
N GLY A 64 3.17 10.66 -13.29
CA GLY A 64 3.01 9.54 -14.20
C GLY A 64 4.32 9.05 -14.76
N LYS A 65 4.28 7.91 -15.45
CA LYS A 65 5.46 7.27 -15.98
C LYS A 65 5.17 6.52 -17.28
N MET A 66 6.06 6.67 -18.28
CA MET A 66 5.94 5.94 -19.54
C MET A 66 6.48 4.54 -19.35
N ILE A 67 5.67 3.54 -19.69
CA ILE A 67 6.09 2.15 -19.61
C ILE A 67 5.77 1.51 -20.95
N ILE A 68 6.75 0.80 -21.52
CA ILE A 68 6.56 0.11 -22.78
C ILE A 68 6.13 -1.35 -22.52
N LEU A 69 5.02 -1.79 -23.06
CA LEU A 69 4.62 -3.20 -22.99
C LEU A 69 5.21 -3.86 -24.22
N LYS A 70 6.09 -4.87 -24.05
CA LYS A 70 6.72 -5.55 -25.17
C LYS A 70 6.08 -6.92 -25.36
N ASP A 71 5.59 -7.18 -26.57
CA ASP A 71 4.94 -8.45 -26.88
C ASP A 71 5.34 -8.91 -28.29
N ASN A 72 6.13 -10.02 -28.37
CA ASN A 72 6.61 -10.63 -29.63
C ASN A 72 7.09 -9.58 -30.67
N GLY A 73 7.92 -8.64 -30.24
CA GLY A 73 8.49 -7.65 -31.12
C GLY A 73 7.64 -6.41 -31.38
N PHE A 74 6.41 -6.39 -30.86
CA PHE A 74 5.48 -5.26 -30.99
C PHE A 74 5.36 -4.58 -29.61
N ASN A 75 5.43 -3.26 -29.57
CA ASN A 75 5.42 -2.51 -28.34
C ASN A 75 4.26 -1.53 -28.21
N ARG A 76 3.73 -1.35 -26.98
CA ARG A 76 2.70 -0.36 -26.73
C ARG A 76 3.20 0.52 -25.61
N GLN A 77 3.41 1.78 -25.91
CA GLN A 77 3.83 2.76 -24.94
C GLN A 77 2.60 3.26 -24.17
N VAL A 78 2.61 3.10 -22.86
CA VAL A 78 1.49 3.54 -22.04
CA VAL A 78 1.51 3.48 -21.99
C VAL A 78 1.96 4.55 -21.00
N HIS A 79 1.17 5.61 -20.81
CA HIS A 79 1.52 6.61 -19.80
C HIS A 79 0.72 6.22 -18.57
N VAL A 80 1.40 5.67 -17.58
CA VAL A 80 0.80 5.12 -16.38
C VAL A 80 0.72 6.15 -15.28
N SER A 81 -0.45 6.25 -14.67
CA SER A 81 -0.71 7.14 -13.54
C SER A 81 -1.30 6.38 -12.38
N MET A 82 -1.01 6.82 -11.16
CA MET A 82 -1.63 6.29 -9.97
C MET A 82 -3.11 6.67 -9.95
N ASP A 83 -4.02 5.74 -9.65
CA ASP A 83 -5.42 6.06 -9.52
C ASP A 83 -5.61 6.58 -8.08
N LYS A 84 -5.80 7.89 -7.95
CA LYS A 84 -6.00 8.52 -6.65
C LYS A 84 -7.47 8.61 -6.22
N ARG A 85 -8.39 8.15 -7.06
CA ARG A 85 -9.82 8.25 -6.74
C ARG A 85 -10.29 7.06 -5.88
N THR A 86 -9.72 5.88 -6.10
CA THR A 86 -10.20 4.67 -5.43
C THR A 86 -9.21 4.11 -4.43
N LYS A 87 -9.73 3.71 -3.28
CA LYS A 87 -8.99 3.04 -2.23
C LYS A 87 -9.55 1.62 -2.11
N ILE A 88 -8.68 0.64 -1.89
CA ILE A 88 -9.07 -0.75 -1.73
C ILE A 88 -8.28 -1.42 -0.62
N GLN A 89 -9.00 -2.08 0.29
CA GLN A 89 -8.36 -3.00 1.21
C GLN A 89 -9.07 -4.35 1.08
N LEU A 90 -8.32 -5.44 0.99
CA LEU A 90 -8.86 -6.80 0.99
C LEU A 90 -8.37 -7.45 2.25
N ASP A 91 -9.23 -7.59 3.26
CA ASP A 91 -8.86 -8.11 4.58
C ASP A 91 -7.69 -7.28 5.17
N ASN A 92 -7.78 -5.93 4.99
CA ASN A 92 -6.81 -4.94 5.43
C ASN A 92 -5.54 -4.86 4.55
N GLU A 93 -5.47 -5.62 3.46
CA GLU A 93 -4.31 -5.57 2.55
C GLU A 93 -4.57 -4.49 1.54
N ASN A 94 -3.66 -3.52 1.49
CA ASN A 94 -3.84 -2.37 0.62
C ASN A 94 -3.60 -2.70 -0.86
N VAL A 95 -4.57 -2.35 -1.69
CA VAL A 95 -4.48 -2.60 -3.10
C VAL A 95 -4.55 -1.26 -3.85
N ARG A 96 -3.53 -1.01 -4.67
CA ARG A 96 -3.43 0.23 -5.44
C ARG A 96 -3.78 0.02 -6.92
N LEU A 97 -4.50 0.97 -7.50
CA LEU A 97 -4.87 0.92 -8.90
C LEU A 97 -4.07 1.93 -9.72
N PHE A 98 -3.86 1.60 -10.98
CA PHE A 98 -3.11 2.41 -11.92
C PHE A 98 -3.84 2.45 -13.25
N ASN A 99 -3.80 3.59 -13.90
CA ASN A 99 -4.47 3.80 -15.18
C ASN A 99 -3.50 4.22 -16.24
N GLY A 100 -3.81 3.85 -17.47
CA GLY A 100 -3.14 4.40 -18.63
C GLY A 100 -3.97 5.61 -19.06
N ARG A 101 -3.56 6.28 -20.13
CA ARG A 101 -4.38 7.34 -20.74
C ARG A 101 -5.63 6.67 -21.35
N ASP A 102 -6.69 7.42 -21.67
CA ASP A 102 -7.89 6.82 -22.28
C ASP A 102 -7.56 5.98 -23.54
N LYS A 103 -6.66 6.51 -24.40
CA LYS A 103 -6.26 5.83 -25.64
C LYS A 103 -5.41 4.56 -25.37
N ASP A 104 -4.83 4.42 -24.16
CA ASP A 104 -4.00 3.27 -23.85
C ASP A 104 -4.82 2.00 -23.58
N SER A 105 -6.11 2.14 -23.18
CA SER A 105 -7.00 1.01 -22.85
C SER A 105 -6.28 0.00 -21.90
N THR A 106 -5.57 0.53 -20.88
CA THR A 106 -4.74 -0.25 -19.97
C THR A 106 -4.97 0.17 -18.52
N ASN A 107 -5.06 -0.82 -17.62
CA ASN A 107 -5.19 -0.64 -16.17
C ASN A 107 -4.30 -1.64 -15.46
N PHE A 108 -3.88 -1.29 -14.27
CA PHE A 108 -3.07 -2.15 -13.43
C PHE A 108 -3.66 -2.21 -12.04
N ILE A 109 -3.33 -3.29 -11.34
CA ILE A 109 -3.67 -3.54 -9.96
C ILE A 109 -2.39 -3.97 -9.27
N LEU A 110 -2.13 -3.44 -8.06
CA LEU A 110 -0.95 -3.84 -7.34
C LEU A 110 -1.24 -3.95 -5.84
N GLY A 111 -1.05 -5.14 -5.35
CA GLY A 111 -1.08 -5.41 -3.93
C GLY A 111 0.27 -6.00 -3.55
N ASP A 112 0.52 -6.20 -2.25
CA ASP A 112 1.75 -6.85 -1.81
C ASP A 112 1.84 -8.31 -2.35
N GLU A 113 0.69 -8.98 -2.54
CA GLU A 113 0.67 -10.39 -2.91
C GLU A 113 0.49 -10.67 -4.38
N PHE A 114 0.04 -9.69 -5.17
CA PHE A 114 -0.25 -9.95 -6.57
C PHE A 114 -0.25 -8.65 -7.37
N ALA A 115 -0.13 -8.78 -8.68
CA ALA A 115 -0.21 -7.66 -9.59
C ALA A 115 -0.99 -8.08 -10.83
N VAL A 116 -1.70 -7.14 -11.42
CA VAL A 116 -2.48 -7.37 -12.61
C VAL A 116 -2.22 -6.28 -13.63
N LEU A 117 -2.06 -6.69 -14.87
CA LEU A 117 -2.03 -5.84 -16.03
C LEU A 117 -3.19 -6.28 -16.87
N ARG A 118 -4.07 -5.36 -17.23
CA ARG A 118 -5.22 -5.70 -18.05
C ARG A 118 -5.35 -4.67 -19.18
N PHE A 119 -5.42 -5.14 -20.42
CA PHE A 119 -5.57 -4.25 -21.59
C PHE A 119 -6.46 -4.91 -22.64
N TYR A 120 -6.86 -4.14 -23.65
CA TYR A 120 -7.70 -4.66 -24.71
C TYR A 120 -6.98 -4.80 -26.03
N ARG A 121 -7.28 -5.89 -26.74
CA ARG A 121 -6.77 -6.18 -28.08
C ARG A 121 -7.90 -6.76 -28.92
N ASN A 122 -8.35 -6.02 -29.94
CA ASN A 122 -9.48 -6.43 -30.80
C ASN A 122 -10.78 -6.48 -29.97
N GLY A 123 -10.93 -5.57 -29.01
CA GLY A 123 -12.06 -5.56 -28.09
C GLY A 123 -12.02 -6.63 -27.01
N GLU A 124 -11.07 -7.57 -27.08
CA GLU A 124 -10.94 -8.66 -26.11
C GLU A 124 -10.07 -8.26 -24.93
N SER A 125 -10.50 -8.66 -23.73
CA SER A 125 -9.82 -8.32 -22.48
C SER A 125 -8.75 -9.32 -22.16
N ILE A 126 -7.52 -8.85 -22.04
CA ILE A 126 -6.37 -9.69 -21.73
C ILE A 126 -5.78 -9.31 -20.39
N SER A 127 -5.66 -10.29 -19.49
CA SER A 127 -5.08 -10.06 -18.19
C SER A 127 -3.81 -10.84 -18.00
N TYR A 128 -2.81 -10.20 -17.42
CA TYR A 128 -1.58 -10.78 -16.95
C TYR A 128 -1.68 -10.73 -15.44
N ILE A 129 -1.72 -11.90 -14.81
CA ILE A 129 -1.91 -12.02 -13.38
C ILE A 129 -0.67 -12.67 -12.80
N ALA A 130 0.01 -11.94 -11.93
CA ALA A 130 1.24 -12.43 -11.33
C ALA A 130 1.16 -12.38 -9.80
N TYR A 131 1.38 -13.52 -9.14
CA TYR A 131 1.39 -13.53 -7.67
C TYR A 131 2.85 -13.55 -7.20
N LYS A 132 3.12 -12.85 -6.10
CA LYS A 132 4.48 -12.76 -5.57
C LYS A 132 5.02 -14.12 -5.06
N GLU A 133 4.26 -14.82 -4.24
CA GLU A 133 4.73 -16.07 -3.64
C GLU A 133 4.69 -17.22 -4.65
N ALA A 134 5.74 -18.06 -4.67
CA ALA A 134 5.82 -19.19 -5.58
C ALA A 134 4.65 -20.17 -5.38
N GLN A 135 4.31 -20.54 -4.11
CA GLN A 135 3.20 -21.46 -3.85
C GLN A 135 1.89 -20.89 -4.39
N MET A 136 1.60 -19.61 -4.12
CA MET A 136 0.36 -19.00 -4.56
C MET A 136 0.33 -18.83 -6.08
N MET A 137 1.48 -18.50 -6.70
CA MET A 137 1.56 -18.38 -8.15
C MET A 137 1.29 -19.75 -8.80
N ASN A 138 1.86 -20.83 -8.25
CA ASN A 138 1.63 -22.17 -8.76
CA ASN A 138 1.61 -22.17 -8.78
C ASN A 138 0.15 -22.54 -8.60
N GLU A 139 -0.42 -22.24 -7.42
CA GLU A 139 -1.83 -22.53 -7.15
C GLU A 139 -2.74 -21.78 -8.15
N ILE A 140 -2.44 -20.50 -8.43
CA ILE A 140 -3.21 -19.65 -9.34
C ILE A 140 -3.09 -20.20 -10.76
N ALA A 141 -1.86 -20.56 -11.18
CA ALA A 141 -1.64 -21.12 -12.51
C ALA A 141 -2.43 -22.42 -12.69
N GLU A 142 -2.42 -23.29 -11.68
CA GLU A 142 -3.17 -24.55 -11.73
C GLU A 142 -4.68 -24.27 -11.77
N PHE A 143 -5.15 -23.33 -10.94
CA PHE A 143 -6.56 -22.96 -10.89
C PHE A 143 -7.07 -22.51 -12.29
N TYR A 144 -6.32 -21.63 -12.95
CA TYR A 144 -6.71 -21.13 -14.24
C TYR A 144 -6.51 -22.15 -15.36
N ALA A 145 -5.50 -23.04 -15.24
CA ALA A 145 -5.26 -24.05 -16.29
C ALA A 145 -6.28 -25.18 -16.26
N ALA A 146 -6.74 -25.55 -15.05
CA ALA A 146 -7.61 -26.71 -14.83
C ALA A 146 -8.81 -26.82 -15.79
N PRO A 147 -9.64 -25.77 -16.03
CA PRO A 147 -10.78 -25.95 -16.95
C PRO A 147 -10.37 -26.34 -18.37
N PHE A 148 -9.20 -25.87 -18.83
CA PHE A 148 -8.68 -26.15 -20.18
C PHE A 148 -8.08 -27.55 -20.33
N LYS A 149 -7.81 -28.26 -19.22
CA LYS A 149 -7.23 -29.60 -19.31
C LYS A 149 -8.30 -30.65 -19.67
N LYS A 150 -9.58 -30.37 -19.40
CA LYS A 150 -10.68 -31.26 -19.78
C LYS A 150 -10.93 -31.16 -21.29
N THR A 151 -10.89 -29.93 -21.82
CA THR A 151 -11.10 -29.64 -23.24
C THR A 151 -9.80 -29.10 -23.85
N ARG A 152 -8.92 -29.97 -24.38
CA ARG A 152 -7.67 -29.51 -24.99
C ARG A 152 -7.96 -28.86 -26.35
N ALA A 153 -8.12 -27.54 -26.34
CA ALA A 153 -8.44 -26.79 -27.55
C ALA A 153 -7.20 -26.42 -28.38
N ILE A 154 -7.42 -26.24 -29.69
CA ILE A 154 -6.41 -25.83 -30.66
C ILE A 154 -5.96 -24.38 -30.36
N ASN A 155 -6.92 -23.52 -29.99
CA ASN A 155 -6.75 -22.10 -29.68
C ASN A 155 -6.30 -21.84 -28.21
N GLU A 156 -5.91 -22.89 -27.47
CA GLU A 156 -5.58 -22.76 -26.05
C GLU A 156 -4.61 -21.62 -25.69
N LYS A 157 -3.40 -21.53 -26.27
CA LYS A 157 -2.40 -20.51 -25.88
C LYS A 157 -2.86 -19.05 -26.04
N GLU A 158 -3.76 -18.76 -26.99
CA GLU A 158 -4.24 -17.39 -27.15
C GLU A 158 -5.27 -17.02 -26.05
N ALA A 159 -5.99 -18.03 -25.51
CA ALA A 159 -6.93 -17.84 -24.40
C ALA A 159 -6.26 -17.96 -23.03
N PHE A 160 -5.29 -18.87 -22.90
CA PHE A 160 -4.62 -19.10 -21.62
C PHE A 160 -3.19 -19.54 -21.82
N GLU A 161 -2.27 -18.92 -21.08
CA GLU A 161 -0.87 -19.29 -21.16
C GLU A 161 -0.13 -19.04 -19.87
N CYS A 162 0.61 -20.04 -19.40
CA CYS A 162 1.51 -19.89 -18.27
C CYS A 162 2.74 -19.18 -18.79
N ILE A 163 3.17 -18.14 -18.10
CA ILE A 163 4.32 -17.37 -18.51
C ILE A 163 5.49 -17.75 -17.62
N TYR A 164 6.67 -18.00 -18.21
CA TYR A 164 7.86 -18.38 -17.46
C TYR A 164 8.97 -17.34 -17.59
N ASP A 165 9.97 -17.36 -16.69
CA ASP A 165 11.07 -16.38 -16.75
C ASP A 165 11.92 -16.62 -18.02
N SER A 166 12.60 -15.58 -18.51
CA SER A 166 13.35 -15.62 -19.76
C SER A 166 14.62 -16.52 -19.73
N ARG A 167 14.91 -17.25 -18.62
CA ARG A 167 16.07 -18.14 -18.60
C ARG A 167 15.84 -19.36 -19.51
N THR A 168 16.79 -19.60 -20.44
CA THR A 168 16.70 -20.74 -21.36
C THR A 168 17.59 -21.90 -20.87
N GLY A 172 12.79 -27.56 -14.89
CA GLY A 172 11.77 -27.57 -13.84
C GLY A 172 11.34 -26.17 -13.46
N LYS A 173 10.99 -25.35 -14.46
CA LYS A 173 10.56 -23.98 -14.26
C LYS A 173 9.13 -23.89 -13.73
N TYR A 174 8.88 -22.88 -12.91
CA TYR A 174 7.55 -22.58 -12.39
C TYR A 174 7.10 -21.25 -12.98
N PRO A 175 5.81 -21.13 -13.31
CA PRO A 175 5.33 -19.86 -13.91
C PRO A 175 5.53 -18.64 -13.02
N VAL A 176 5.79 -17.50 -13.66
CA VAL A 176 5.93 -16.20 -13.00
C VAL A 176 4.62 -15.37 -13.14
N SER A 177 3.71 -15.78 -14.05
CA SER A 177 2.40 -15.15 -14.27
C SER A 177 1.56 -16.01 -15.23
N VAL A 178 0.28 -15.64 -15.40
CA VAL A 178 -0.60 -16.26 -16.34
C VAL A 178 -1.21 -15.18 -17.22
N LYS A 179 -1.40 -15.50 -18.49
CA LYS A 179 -2.06 -14.65 -19.47
C LYS A 179 -3.42 -15.27 -19.72
N ILE A 180 -4.48 -14.49 -19.54
CA ILE A 180 -5.82 -14.95 -19.82
C ILE A 180 -6.57 -13.94 -20.67
N ASN A 181 -7.01 -14.40 -21.85
CA ASN A 181 -7.91 -13.63 -22.70
C ASN A 181 -9.29 -14.22 -22.37
N VAL A 182 -10.08 -13.52 -21.54
CA VAL A 182 -11.35 -14.05 -21.06
C VAL A 182 -12.37 -14.23 -22.20
N ASP A 183 -12.33 -13.41 -23.27
CA ASP A 183 -13.26 -13.60 -24.40
C ASP A 183 -12.92 -14.90 -25.17
N LYS A 184 -11.62 -15.15 -25.41
CA LYS A 184 -11.24 -16.39 -26.09
C LYS A 184 -11.48 -17.60 -25.17
N ALA A 185 -11.29 -17.43 -23.84
CA ALA A 185 -11.44 -18.51 -22.87
C ALA A 185 -12.89 -18.97 -22.78
N LYS A 186 -13.86 -18.05 -22.76
CA LYS A 186 -15.27 -18.42 -22.70
C LYS A 186 -15.72 -19.15 -23.97
N LYS A 187 -15.12 -18.83 -25.13
CA LYS A 187 -15.47 -19.51 -26.38
C LYS A 187 -14.94 -20.95 -26.37
N ILE A 188 -13.74 -21.16 -25.81
CA ILE A 188 -13.10 -22.47 -25.71
C ILE A 188 -13.81 -23.34 -24.66
N LEU A 189 -14.04 -22.81 -23.45
CA LEU A 189 -14.63 -23.57 -22.37
C LEU A 189 -16.14 -23.80 -22.54
N ASN A 190 -16.80 -23.08 -23.46
CA ASN A 190 -18.23 -23.19 -23.78
C ASN A 190 -19.09 -23.17 -22.50
N LEU A 191 -18.78 -22.24 -21.60
CA LEU A 191 -19.46 -22.08 -20.30
C LEU A 191 -20.95 -21.83 -20.46
N PRO A 192 -21.80 -22.31 -19.53
CA PRO A 192 -23.24 -22.01 -19.64
C PRO A 192 -23.46 -20.51 -19.54
N GLU A 193 -24.32 -19.97 -20.41
CA GLU A 193 -24.59 -18.55 -20.48
C GLU A 193 -25.20 -17.99 -19.19
N CYS A 194 -24.37 -17.23 -18.44
CA CYS A 194 -24.77 -16.55 -17.24
C CYS A 194 -25.26 -15.15 -17.64
N ASP A 195 -26.40 -14.69 -17.11
CA ASP A 195 -26.96 -13.39 -17.54
C ASP A 195 -27.45 -12.49 -16.37
N TYR A 196 -28.05 -11.32 -16.72
CA TYR A 196 -28.57 -10.31 -15.78
C TYR A 196 -30.09 -10.17 -15.83
N ILE A 197 -30.82 -11.11 -16.43
CA ILE A 197 -32.27 -11.00 -16.53
C ILE A 197 -32.89 -11.07 -15.13
N ASN A 198 -33.65 -10.03 -14.72
CA ASN A 198 -34.29 -9.91 -13.41
C ASN A 198 -33.26 -9.85 -12.26
N ASP A 199 -32.10 -9.22 -12.50
CA ASP A 199 -31.05 -9.13 -11.47
C ASP A 199 -31.20 -7.87 -10.60
N TYR A 200 -32.42 -7.39 -10.39
CA TYR A 200 -32.66 -6.22 -9.56
C TYR A 200 -34.01 -6.34 -8.87
N ILE A 201 -34.10 -5.82 -7.65
CA ILE A 201 -35.35 -5.83 -6.91
C ILE A 201 -35.75 -4.38 -6.65
N LYS A 202 -36.98 -4.02 -7.01
CA LYS A 202 -37.48 -2.67 -6.77
C LYS A 202 -37.93 -2.51 -5.33
N THR A 203 -37.78 -1.28 -4.78
CA THR A 203 -38.18 -0.84 -3.44
C THR A 203 -39.45 -1.54 -2.90
N PRO A 219 -18.83 19.43 -5.00
CA PRO A 219 -18.13 20.00 -3.84
C PRO A 219 -16.61 20.07 -4.05
N SER A 220 -15.90 20.93 -3.25
CA SER A 220 -14.43 21.07 -3.30
C SER A 220 -13.74 19.72 -3.02
N GLU A 221 -14.33 18.93 -2.12
CA GLU A 221 -13.80 17.62 -1.78
C GLU A 221 -14.84 16.56 -2.11
N PRO A 222 -14.47 15.54 -2.89
CA PRO A 222 -15.46 14.47 -3.18
C PRO A 222 -15.85 13.74 -1.89
N LYS A 223 -17.07 13.23 -1.89
CA LYS A 223 -17.57 12.48 -0.76
C LYS A 223 -16.98 11.07 -0.82
N THR A 224 -16.48 10.58 0.31
CA THR A 224 -15.98 9.22 0.36
C THR A 224 -17.16 8.30 0.61
N VAL A 225 -17.34 7.33 -0.27
CA VAL A 225 -18.39 6.35 -0.11
C VAL A 225 -17.74 4.99 -0.03
N TYR A 226 -17.94 4.29 1.08
CA TYR A 226 -17.41 2.95 1.23
C TYR A 226 -18.29 1.93 0.52
N VAL A 227 -17.65 1.00 -0.17
CA VAL A 227 -18.26 -0.15 -0.79
C VAL A 227 -17.74 -1.35 0.01
N ILE A 228 -18.55 -1.77 0.98
CA ILE A 228 -18.20 -2.84 1.90
C ILE A 228 -18.59 -4.16 1.31
N CYS A 229 -17.59 -4.91 0.89
CA CYS A 229 -17.74 -6.21 0.29
C CYS A 229 -17.48 -7.25 1.34
N LEU A 230 -18.36 -8.22 1.39
CA LEU A 230 -18.30 -9.28 2.38
C LEU A 230 -18.27 -10.61 1.69
N ARG A 231 -17.20 -11.34 1.93
CA ARG A 231 -16.96 -12.68 1.45
C ARG A 231 -17.96 -13.57 2.14
N GLU A 232 -18.88 -14.14 1.36
CA GLU A 232 -19.91 -15.03 1.88
C GLU A 232 -19.30 -16.20 2.64
N ASN A 233 -19.94 -16.60 3.73
CA ASN A 233 -19.49 -17.72 4.56
C ASN A 233 -19.33 -18.99 3.70
N GLY A 234 -18.12 -19.57 3.75
CA GLY A 234 -17.78 -20.76 2.98
C GLY A 234 -17.28 -20.51 1.57
N SER A 235 -17.23 -19.24 1.15
CA SER A 235 -16.79 -18.90 -0.19
CA SER A 235 -16.77 -18.89 -0.18
C SER A 235 -15.31 -18.55 -0.21
N THR A 236 -14.64 -18.92 -1.29
CA THR A 236 -13.25 -18.57 -1.50
CA THR A 236 -13.25 -18.52 -1.48
C THR A 236 -13.18 -17.68 -2.74
N VAL A 237 -12.49 -16.56 -2.62
CA VAL A 237 -12.31 -15.62 -3.71
C VAL A 237 -10.80 -15.32 -3.87
N TYR A 238 -10.38 -14.92 -5.06
CA TYR A 238 -8.99 -14.58 -5.32
C TYR A 238 -8.82 -13.08 -5.38
N PRO A 239 -7.76 -12.55 -4.75
CA PRO A 239 -7.59 -11.08 -4.71
C PRO A 239 -7.50 -10.40 -6.08
N ASN A 240 -6.83 -11.02 -7.08
CA ASN A 240 -6.78 -10.41 -8.42
C ASN A 240 -8.21 -10.27 -9.00
N GLU A 241 -9.08 -11.24 -8.71
CA GLU A 241 -10.43 -11.29 -9.23
C GLU A 241 -11.34 -10.30 -8.55
N VAL A 242 -11.25 -10.23 -7.20
CA VAL A 242 -12.08 -9.27 -6.47
C VAL A 242 -11.70 -7.83 -6.85
N SER A 243 -10.39 -7.54 -6.87
CA SER A 243 -9.92 -6.20 -7.14
CA SER A 243 -9.87 -6.22 -7.18
C SER A 243 -10.27 -5.76 -8.59
N ALA A 244 -10.26 -6.69 -9.57
CA ALA A 244 -10.64 -6.34 -10.94
C ALA A 244 -12.11 -5.92 -11.00
N GLN A 245 -12.98 -6.63 -10.26
CA GLN A 245 -14.40 -6.26 -10.19
C GLN A 245 -14.58 -4.87 -9.60
N MET A 246 -13.83 -4.57 -8.51
CA MET A 246 -13.88 -3.28 -7.82
C MET A 246 -13.40 -2.18 -8.73
N GLN A 247 -12.27 -2.41 -9.43
CA GLN A 247 -11.68 -1.43 -10.34
C GLN A 247 -12.67 -1.10 -11.45
N ASP A 248 -13.26 -2.13 -12.09
CA ASP A 248 -14.23 -1.90 -13.16
C ASP A 248 -15.50 -1.22 -12.64
N ALA A 249 -15.94 -1.58 -11.43
CA ALA A 249 -17.12 -0.96 -10.82
C ALA A 249 -16.85 0.55 -10.60
N ALA A 250 -15.71 0.89 -9.97
CA ALA A 250 -15.37 2.29 -9.72
C ALA A 250 -15.17 3.07 -11.01
N ASN A 251 -14.45 2.50 -12.00
CA ASN A 251 -14.22 3.21 -13.24
C ASN A 251 -15.48 3.40 -14.06
N SER A 252 -16.50 2.53 -13.90
CA SER A 252 -17.77 2.72 -14.60
C SER A 252 -18.50 3.97 -14.04
N VAL A 253 -18.28 4.30 -12.76
CA VAL A 253 -18.89 5.46 -12.14
C VAL A 253 -18.15 6.73 -12.52
N TYR A 254 -16.81 6.75 -12.39
CA TYR A 254 -16.02 7.95 -12.72
C TYR A 254 -16.12 8.36 -14.17
N ALA A 255 -16.33 7.40 -15.10
CA ALA A 255 -16.46 7.74 -16.52
C ALA A 255 -17.74 8.54 -16.82
N VAL A 256 -18.69 8.58 -15.88
CA VAL A 256 -19.95 9.29 -16.03
C VAL A 256 -19.87 10.69 -15.42
N HIS A 257 -20.24 11.73 -16.21
CA HIS A 257 -20.35 13.13 -15.82
C HIS A 257 -19.26 13.64 -14.84
N GLY A 258 -17.99 13.29 -15.07
CA GLY A 258 -16.87 13.67 -14.21
C GLY A 258 -17.14 13.43 -12.73
N LEU A 259 -17.73 12.25 -12.40
CA LEU A 259 -18.19 11.96 -11.05
C LEU A 259 -17.09 11.84 -10.00
N LYS A 260 -15.79 11.80 -10.38
CA LYS A 260 -14.73 11.81 -9.37
C LYS A 260 -14.76 13.14 -8.54
N ARG A 261 -15.39 14.21 -9.08
CA ARG A 261 -15.54 15.47 -8.33
C ARG A 261 -16.51 15.30 -7.14
N TYR A 262 -17.43 14.35 -7.22
CA TYR A 262 -18.50 14.10 -6.26
C TYR A 262 -18.25 12.92 -5.37
N VAL A 263 -17.59 11.87 -5.88
CA VAL A 263 -17.39 10.67 -5.09
C VAL A 263 -16.02 10.04 -5.32
N ASN A 264 -15.48 9.49 -4.25
CA ASN A 264 -14.29 8.67 -4.22
C ASN A 264 -14.74 7.40 -3.54
N LEU A 265 -14.62 6.27 -4.23
CA LEU A 265 -15.06 5.00 -3.70
C LEU A 265 -13.95 4.32 -2.92
N HIS A 266 -14.31 3.82 -1.74
CA HIS A 266 -13.38 3.10 -0.88
C HIS A 266 -13.92 1.71 -0.67
N PHE A 267 -13.33 0.73 -1.35
CA PHE A 267 -13.71 -0.66 -1.21
C PHE A 267 -12.96 -1.32 -0.08
N VAL A 268 -13.67 -2.11 0.70
CA VAL A 268 -13.09 -2.91 1.76
C VAL A 268 -13.66 -4.32 1.63
N LEU A 269 -12.87 -5.33 2.03
CA LEU A 269 -13.32 -6.70 1.98
C LEU A 269 -13.09 -7.36 3.32
N TYR A 270 -14.14 -7.95 3.86
CA TYR A 270 -14.11 -8.74 5.09
C TYR A 270 -14.93 -10.03 4.86
N THR A 271 -14.91 -10.96 5.81
CA THR A 271 -15.71 -12.18 5.70
C THR A 271 -16.96 -12.01 6.55
N THR A 272 -18.10 -12.49 6.08
CA THR A 272 -19.31 -12.49 6.89
C THR A 272 -19.70 -13.92 7.25
N GLU A 273 -20.44 -14.07 8.34
CA GLU A 273 -21.05 -15.33 8.76
C GLU A 273 -22.26 -15.67 7.88
N TYR A 274 -22.86 -14.67 7.23
CA TYR A 274 -24.01 -14.89 6.37
C TYR A 274 -23.66 -15.74 5.16
N ALA A 275 -24.55 -16.67 4.85
CA ALA A 275 -24.51 -17.47 3.65
C ALA A 275 -25.93 -17.48 3.10
N CYS A 276 -26.12 -17.39 1.78
CA CYS A 276 -27.47 -17.44 1.18
C CYS A 276 -28.16 -18.75 1.57
N PRO A 277 -29.41 -18.70 2.06
CA PRO A 277 -30.08 -19.93 2.51
C PRO A 277 -30.48 -20.88 1.38
N SER A 278 -30.41 -20.45 0.13
CA SER A 278 -30.76 -21.27 -1.02
C SER A 278 -29.91 -20.83 -2.23
N GLY A 279 -30.17 -21.40 -3.40
CA GLY A 279 -29.52 -20.96 -4.63
C GLY A 279 -30.18 -19.72 -5.22
N ASN A 280 -31.36 -19.31 -4.69
CA ASN A 280 -32.12 -18.20 -5.25
C ASN A 280 -31.50 -16.82 -4.91
N ALA A 281 -31.21 -16.02 -5.95
CA ALA A 281 -30.59 -14.71 -5.74
C ALA A 281 -31.51 -13.72 -5.01
N ASP A 282 -32.83 -13.72 -5.30
CA ASP A 282 -33.77 -12.81 -4.62
C ASP A 282 -33.81 -13.09 -3.13
N GLU A 283 -33.98 -14.38 -2.76
CA GLU A 283 -33.99 -14.79 -1.36
CA GLU A 283 -33.99 -14.81 -1.35
C GLU A 283 -32.63 -14.50 -0.70
N GLY A 284 -31.55 -14.71 -1.45
CA GLY A 284 -30.19 -14.46 -0.97
C GLY A 284 -29.97 -13.00 -0.62
N LEU A 285 -30.42 -12.08 -1.48
CA LEU A 285 -30.26 -10.66 -1.24
C LEU A 285 -31.15 -10.22 -0.08
N ASP A 286 -32.39 -10.75 0.02
CA ASP A 286 -33.28 -10.44 1.14
C ASP A 286 -32.59 -10.77 2.47
N GLY A 287 -32.02 -11.97 2.55
CA GLY A 287 -31.32 -12.41 3.75
C GLY A 287 -30.06 -11.61 3.99
N PHE A 288 -29.33 -11.24 2.93
CA PHE A 288 -28.08 -10.48 3.11
C PHE A 288 -28.38 -9.11 3.71
N THR A 289 -29.37 -8.41 3.19
CA THR A 289 -29.74 -7.09 3.69
C THR A 289 -30.24 -7.21 5.13
N ALA A 290 -31.02 -8.26 5.45
CA ALA A 290 -31.48 -8.49 6.82
C ALA A 290 -30.27 -8.78 7.75
N SER A 291 -29.29 -9.57 7.28
CA SER A 291 -28.09 -9.89 8.06
C SER A 291 -27.31 -8.61 8.44
N LEU A 292 -27.24 -7.62 7.51
CA LEU A 292 -26.54 -6.36 7.74
C LEU A 292 -27.21 -5.56 8.87
N LYS A 293 -28.55 -5.50 8.89
CA LYS A 293 -29.31 -4.79 9.94
C LYS A 293 -29.14 -5.43 11.32
N ALA A 294 -28.87 -6.73 11.38
CA ALA A 294 -28.65 -7.42 12.64
C ALA A 294 -27.14 -7.61 12.98
N ASN A 295 -26.22 -7.13 12.13
CA ASN A 295 -24.78 -7.31 12.33
C ASN A 295 -24.18 -6.15 13.14
N PRO A 296 -23.63 -6.45 14.34
CA PRO A 296 -23.03 -5.38 15.16
C PRO A 296 -21.81 -4.71 14.50
N LYS A 297 -21.09 -5.45 13.63
CA LYS A 297 -19.94 -4.91 12.92
C LYS A 297 -20.34 -3.85 11.86
N ALA A 298 -21.59 -3.92 11.36
CA ALA A 298 -22.12 -2.97 10.38
C ALA A 298 -22.77 -1.74 11.04
N GLU A 299 -22.94 -1.75 12.37
CA GLU A 299 -23.57 -0.65 13.09
C GLU A 299 -22.84 0.68 12.84
N GLY A 300 -23.61 1.71 12.51
CA GLY A 300 -23.09 3.02 12.16
C GLY A 300 -22.75 3.20 10.69
N TYR A 301 -22.86 2.12 9.87
CA TYR A 301 -22.52 2.20 8.45
C TYR A 301 -23.70 1.82 7.55
N ASP A 302 -24.92 2.09 7.98
CA ASP A 302 -26.13 1.78 7.21
C ASP A 302 -26.32 2.69 5.97
N ASP A 303 -25.52 3.76 5.87
CA ASP A 303 -25.55 4.69 4.75
C ASP A 303 -24.42 4.43 3.73
N GLN A 304 -23.77 3.27 3.78
CA GLN A 304 -22.73 2.91 2.82
C GLN A 304 -23.30 1.92 1.77
N ILE A 305 -22.46 1.45 0.85
CA ILE A 305 -22.87 0.47 -0.15
C ILE A 305 -22.30 -0.89 0.25
N TYR A 306 -23.09 -1.96 0.11
CA TYR A 306 -22.68 -3.29 0.49
C TYR A 306 -22.84 -4.31 -0.61
N PHE A 307 -21.87 -5.21 -0.70
CA PHE A 307 -21.94 -6.32 -1.63
C PHE A 307 -21.60 -7.60 -0.92
N LEU A 308 -22.43 -8.62 -1.11
CA LEU A 308 -22.06 -9.96 -0.70
C LEU A 308 -21.33 -10.54 -1.90
N ILE A 309 -20.09 -11.04 -1.73
CA ILE A 309 -19.37 -11.58 -2.87
C ILE A 309 -19.07 -13.05 -2.69
N ARG A 310 -18.99 -13.74 -3.79
CA ARG A 310 -18.65 -15.16 -3.89
C ARG A 310 -17.93 -15.35 -5.22
N TRP A 311 -17.38 -16.54 -5.44
CA TRP A 311 -16.73 -16.85 -6.68
C TRP A 311 -17.79 -17.29 -7.70
N GLY A 312 -18.71 -18.14 -7.26
CA GLY A 312 -19.77 -18.69 -8.11
C GLY A 312 -20.94 -17.78 -8.45
N THR A 313 -22.00 -18.39 -8.96
CA THR A 313 -23.22 -17.69 -9.39
C THR A 313 -24.44 -18.25 -8.61
N TRP A 314 -25.62 -17.67 -8.84
CA TRP A 314 -26.86 -18.09 -8.23
C TRP A 314 -27.70 -18.89 -9.23
N ASP A 315 -28.88 -19.39 -8.83
CA ASP A 315 -29.77 -20.18 -9.70
C ASP A 315 -30.11 -19.42 -10.98
N ASN A 316 -30.36 -20.18 -12.07
CA ASN A 316 -30.68 -19.64 -13.40
C ASN A 316 -29.52 -18.80 -13.93
N ASN A 317 -28.26 -19.19 -13.59
CA ASN A 317 -27.02 -18.53 -13.97
C ASN A 317 -27.09 -17.03 -13.73
N ILE A 318 -27.59 -16.64 -12.56
CA ILE A 318 -27.67 -15.24 -12.18
C ILE A 318 -26.28 -14.85 -11.66
N LEU A 319 -25.66 -13.83 -12.26
CA LEU A 319 -24.32 -13.37 -11.92
C LEU A 319 -24.28 -12.46 -10.66
N GLY A 320 -25.38 -11.78 -10.42
CA GLY A 320 -25.50 -10.86 -9.30
C GLY A 320 -26.89 -10.29 -9.22
N ILE A 321 -27.16 -9.55 -8.14
CA ILE A 321 -28.46 -8.94 -7.91
C ILE A 321 -28.29 -7.72 -7.00
N SER A 322 -29.22 -6.75 -7.05
CA SER A 322 -29.10 -5.57 -6.20
C SER A 322 -30.45 -4.88 -6.02
N TRP A 323 -30.54 -4.03 -4.99
CA TRP A 323 -31.74 -3.23 -4.77
C TRP A 323 -31.63 -2.06 -5.72
N LEU A 324 -32.58 -1.95 -6.65
CA LEU A 324 -32.58 -0.90 -7.65
C LEU A 324 -32.80 0.47 -7.04
N ASN A 325 -31.96 1.46 -7.41
CA ASN A 325 -32.07 2.87 -7.02
C ASN A 325 -32.17 2.99 -5.49
N SER A 326 -31.20 2.41 -4.82
CA SER A 326 -31.16 2.32 -3.37
C SER A 326 -30.05 3.18 -2.74
N TYR A 327 -29.20 3.84 -3.56
CA TYR A 327 -28.19 4.73 -3.00
C TYR A 327 -28.37 6.15 -3.53
N ASN A 328 -28.44 7.10 -2.61
CA ASN A 328 -28.45 8.53 -2.87
C ASN A 328 -27.57 9.15 -1.76
N VAL A 329 -26.65 10.07 -2.12
CA VAL A 329 -25.71 10.67 -1.15
C VAL A 329 -26.43 11.41 0.01
N ASN A 330 -27.67 11.87 -0.19
CA ASN A 330 -28.37 12.62 0.85
C ASN A 330 -29.25 11.74 1.73
N THR A 331 -29.82 10.65 1.19
CA THR A 331 -30.79 9.86 1.93
C THR A 331 -30.36 8.43 2.23
N ALA A 332 -29.11 8.02 1.88
CA ALA A 332 -28.64 6.65 2.13
C ALA A 332 -28.84 6.22 3.59
N SER A 333 -29.46 5.05 3.79
CA SER A 333 -29.80 4.55 5.12
C SER A 333 -30.25 3.08 5.08
N ASP A 334 -30.36 2.46 6.27
CA ASP A 334 -30.90 1.13 6.52
C ASP A 334 -30.33 0.02 5.64
N PHE A 335 -29.06 0.14 5.24
CA PHE A 335 -28.38 -0.86 4.41
C PHE A 335 -29.12 -1.15 3.09
N LYS A 336 -29.93 -0.18 2.61
CA LYS A 336 -30.73 -0.30 1.39
C LYS A 336 -29.83 -0.49 0.18
N ALA A 337 -28.70 0.24 0.12
CA ALA A 337 -27.75 0.16 -1.01
C ALA A 337 -26.91 -1.11 -0.91
N SER A 338 -27.56 -2.25 -1.10
CA SER A 338 -26.91 -3.55 -1.01
C SER A 338 -27.21 -4.43 -2.22
N GLY A 339 -26.27 -5.31 -2.49
CA GLY A 339 -26.36 -6.26 -3.59
C GLY A 339 -25.43 -7.44 -3.39
N MET A 340 -25.42 -8.32 -4.38
CA MET A 340 -24.58 -9.51 -4.39
C MET A 340 -23.91 -9.58 -5.74
N SER A 341 -22.70 -10.16 -5.79
CA SER A 341 -21.98 -10.23 -7.04
C SER A 341 -21.03 -11.37 -7.09
N THR A 342 -20.96 -12.01 -8.25
CA THR A 342 -19.88 -12.96 -8.50
C THR A 342 -18.57 -12.13 -8.65
N THR A 343 -17.42 -12.79 -8.46
CA THR A 343 -16.13 -12.13 -8.69
C THR A 343 -15.25 -12.94 -9.66
N GLN A 344 -15.77 -14.04 -10.27
CA GLN A 344 -14.96 -14.86 -11.14
C GLN A 344 -14.47 -14.07 -12.37
N LEU A 345 -13.21 -14.33 -12.75
CA LEU A 345 -12.48 -13.63 -13.80
C LEU A 345 -13.22 -13.60 -15.14
N MET A 346 -13.90 -14.69 -15.52
CA MET A 346 -14.57 -14.75 -16.83
C MET A 346 -15.75 -13.84 -16.97
N TYR A 347 -16.26 -13.26 -15.87
CA TYR A 347 -17.39 -12.34 -15.97
C TYR A 347 -17.02 -10.94 -15.44
N PRO A 348 -16.12 -10.21 -16.16
CA PRO A 348 -15.78 -8.87 -15.70
C PRO A 348 -16.97 -7.90 -15.79
N GLY A 349 -17.01 -6.95 -14.86
CA GLY A 349 -18.06 -5.95 -14.86
C GLY A 349 -19.36 -6.29 -14.17
N VAL A 350 -19.47 -7.46 -13.50
CA VAL A 350 -20.72 -7.82 -12.82
C VAL A 350 -20.96 -6.87 -11.65
N MET A 351 -19.93 -6.64 -10.83
CA MET A 351 -20.07 -5.69 -9.71
C MET A 351 -20.37 -4.27 -10.25
N ALA A 352 -19.76 -3.87 -11.38
CA ALA A 352 -20.02 -2.59 -12.03
C ALA A 352 -21.51 -2.48 -12.44
N HIS A 353 -22.06 -3.57 -13.03
CA HIS A 353 -23.46 -3.65 -13.45
C HIS A 353 -24.39 -3.53 -12.22
N GLU A 354 -24.09 -4.27 -11.13
CA GLU A 354 -24.90 -4.22 -9.90
C GLU A 354 -24.79 -2.85 -9.19
N LEU A 355 -23.59 -2.27 -9.14
CA LEU A 355 -23.39 -0.92 -8.60
C LEU A 355 -24.22 0.11 -9.42
N GLY A 356 -24.33 -0.13 -10.73
CA GLY A 356 -25.15 0.68 -11.63
C GLY A 356 -26.61 0.67 -11.18
N HIS A 357 -27.16 -0.53 -10.95
CA HIS A 357 -28.54 -0.66 -10.45
C HIS A 357 -28.72 0.03 -9.11
N ILE A 358 -27.79 -0.15 -8.18
CA ILE A 358 -27.85 0.49 -6.86
C ILE A 358 -27.91 2.03 -7.01
N LEU A 359 -27.13 2.58 -7.96
CA LEU A 359 -27.12 4.02 -8.23
C LEU A 359 -28.32 4.50 -9.09
N GLY A 360 -29.27 3.60 -9.38
CA GLY A 360 -30.49 3.92 -10.12
C GLY A 360 -30.54 3.56 -11.59
N ALA A 361 -29.46 2.99 -12.14
CA ALA A 361 -29.45 2.65 -13.57
C ALA A 361 -30.39 1.48 -13.87
N ASN A 362 -31.18 1.62 -14.91
CA ASN A 362 -32.06 0.57 -15.40
C ASN A 362 -31.36 -0.20 -16.52
N HIS A 363 -31.95 -1.32 -16.99
CA HIS A 363 -31.38 -2.01 -18.14
C HIS A 363 -31.48 -1.11 -19.39
N ALA A 364 -30.40 -1.06 -20.17
CA ALA A 364 -30.31 -0.25 -21.37
C ALA A 364 -30.51 -1.10 -22.62
N ASP A 365 -30.93 -0.46 -23.72
CA ASP A 365 -31.22 -1.12 -24.99
C ASP A 365 -30.00 -1.35 -25.87
N ASP A 366 -28.92 -0.57 -25.68
CA ASP A 366 -27.70 -0.74 -26.48
C ASP A 366 -26.99 -2.01 -26.03
N PRO A 367 -26.79 -2.98 -26.96
CA PRO A 367 -26.09 -4.22 -26.58
C PRO A 367 -24.63 -4.00 -26.16
N LYS A 368 -24.07 -2.81 -26.35
CA LYS A 368 -22.71 -2.50 -25.90
C LYS A 368 -22.69 -1.78 -24.54
N ASP A 369 -23.84 -1.59 -23.92
CA ASP A 369 -23.93 -0.91 -22.64
C ASP A 369 -23.62 -1.89 -21.53
N LEU A 370 -22.93 -1.41 -20.48
CA LEU A 370 -22.71 -2.19 -19.26
C LEU A 370 -24.06 -2.67 -18.67
N MET A 371 -25.09 -1.83 -18.79
CA MET A 371 -26.41 -2.10 -18.27
C MET A 371 -27.32 -2.82 -19.24
N TYR A 372 -26.78 -3.44 -20.31
CA TYR A 372 -27.60 -4.28 -21.20
C TYR A 372 -28.14 -5.46 -20.37
N SER A 373 -29.36 -5.90 -20.64
CA SER A 373 -30.00 -6.98 -19.87
C SER A 373 -29.26 -8.31 -19.99
N LYS A 374 -28.44 -8.50 -21.03
CA LYS A 374 -27.63 -9.70 -21.16
C LYS A 374 -26.19 -9.38 -20.79
N TYR A 375 -25.47 -10.37 -20.24
CA TYR A 375 -24.06 -10.19 -19.92
C TYR A 375 -23.25 -10.05 -21.23
N THR A 376 -22.42 -9.01 -21.35
CA THR A 376 -21.64 -8.80 -22.58
C THR A 376 -20.14 -8.66 -22.37
N GLY A 377 -19.73 -8.18 -21.20
CA GLY A 377 -18.34 -7.88 -20.96
C GLY A 377 -17.99 -6.42 -21.24
N TYR A 378 -18.98 -5.59 -21.63
CA TYR A 378 -18.78 -4.16 -21.81
C TYR A 378 -18.83 -3.52 -20.42
N LEU A 379 -17.95 -2.54 -20.16
CA LEU A 379 -17.78 -2.04 -18.81
C LEU A 379 -18.20 -0.59 -18.58
N PHE A 380 -18.84 0.05 -19.56
CA PHE A 380 -19.22 1.45 -19.39
C PHE A 380 -20.67 1.71 -19.67
N HIS A 381 -21.23 2.64 -18.91
CA HIS A 381 -22.57 3.17 -19.13
C HIS A 381 -22.58 3.96 -20.43
N LEU A 382 -23.50 3.65 -21.32
CA LEU A 382 -23.66 4.37 -22.59
C LEU A 382 -24.99 5.14 -22.61
N SER A 383 -25.97 4.71 -21.80
CA SER A 383 -27.31 5.33 -21.69
C SER A 383 -27.24 6.68 -21.00
N GLU A 384 -27.62 7.75 -21.71
CA GLU A 384 -27.63 9.09 -21.14
C GLU A 384 -28.66 9.20 -20.01
N LYS A 385 -29.80 8.51 -20.13
CA LYS A 385 -30.78 8.49 -19.05
C LYS A 385 -30.19 7.87 -17.77
N ASN A 386 -29.46 6.76 -17.91
CA ASN A 386 -28.81 6.10 -16.77
C ASN A 386 -27.71 6.96 -16.19
N MET A 387 -26.92 7.61 -17.06
CA MET A 387 -25.85 8.47 -16.63
C MET A 387 -26.38 9.64 -15.80
N ASP A 388 -27.52 10.21 -16.19
CA ASP A 388 -28.11 11.32 -15.44
C ASP A 388 -28.65 10.84 -14.10
N ILE A 389 -29.32 9.68 -14.07
CA ILE A 389 -29.86 9.14 -12.82
C ILE A 389 -28.72 8.86 -11.81
N ILE A 390 -27.67 8.16 -12.26
CA ILE A 390 -26.53 7.80 -11.43
C ILE A 390 -25.85 9.06 -10.89
N ALA A 391 -25.54 10.02 -11.77
CA ALA A 391 -24.86 11.23 -11.37
C ALA A 391 -25.72 12.07 -10.41
N LYS A 392 -27.03 12.19 -10.65
CA LYS A 392 -27.91 12.95 -9.74
C LYS A 392 -27.97 12.28 -8.36
N ASN A 393 -27.96 10.94 -8.29
CA ASN A 393 -27.95 10.23 -7.00
C ASN A 393 -26.62 10.46 -6.23
N LEU A 394 -25.55 10.89 -6.93
CA LEU A 394 -24.27 11.18 -6.30
C LEU A 394 -24.03 12.70 -6.08
N GLY A 395 -25.08 13.53 -6.24
CA GLY A 395 -25.00 14.97 -5.98
C GLY A 395 -24.76 15.87 -7.18
N TRP A 396 -24.63 15.30 -8.37
CA TRP A 396 -24.39 16.07 -9.58
C TRP A 396 -25.69 16.70 -10.12
N GLU A 397 -25.55 17.86 -10.76
CA GLU A 397 -26.62 18.60 -11.43
C GLU A 397 -26.18 18.95 -12.85
N ILE A 398 -27.12 19.08 -13.78
CA ILE A 398 -26.82 19.42 -15.18
C ILE A 398 -26.01 20.72 -15.29
N ALA A 399 -26.35 21.75 -14.49
CA ALA A 399 -25.63 23.03 -14.52
C ALA A 399 -24.14 22.90 -14.16
N ASP A 400 -23.74 21.82 -13.48
CA ASP A 400 -22.34 21.60 -13.12
C ASP A 400 -21.47 21.15 -14.29
N GLY A 401 -22.07 20.68 -15.38
CA GLY A 401 -21.32 20.17 -16.51
C GLY A 401 -20.58 18.89 -16.20
N ASP A 402 -19.62 18.52 -17.05
CA ASP A 402 -18.85 17.30 -16.87
C ASP A 402 -17.41 17.57 -16.38
N ALA B 37 -20.58 15.67 17.98
CA ALA B 37 -21.44 15.14 16.93
C ALA B 37 -21.31 15.96 15.64
N PRO B 38 -20.82 15.39 14.51
CA PRO B 38 -20.35 13.99 14.31
C PRO B 38 -19.15 13.64 15.18
N VAL B 39 -19.08 12.36 15.61
CA VAL B 39 -18.03 11.86 16.51
C VAL B 39 -16.68 11.79 15.80
N THR B 40 -15.66 12.40 16.41
CA THR B 40 -14.32 12.38 15.85
C THR B 40 -13.71 10.98 16.03
N ALA B 41 -12.99 10.49 15.01
CA ALA B 41 -12.31 9.20 15.03
C ALA B 41 -11.27 9.20 16.16
N SER B 42 -11.08 8.04 16.81
CA SER B 42 -10.13 7.98 17.92
CA SER B 42 -10.15 7.97 17.92
C SER B 42 -9.39 6.64 17.98
N ILE B 43 -8.24 6.67 18.62
CA ILE B 43 -7.39 5.53 18.85
C ILE B 43 -7.23 5.39 20.37
N ASP B 44 -7.72 4.27 20.92
CA ASP B 44 -7.60 3.94 22.34
C ASP B 44 -6.27 3.22 22.56
N LEU B 45 -5.27 3.93 23.11
CA LEU B 45 -3.94 3.39 23.36
C LEU B 45 -3.92 2.30 24.44
N GLN B 46 -5.02 2.09 25.19
CA GLN B 46 -5.07 0.96 26.13
C GLN B 46 -5.37 -0.37 25.39
N SER B 47 -5.80 -0.33 24.11
CA SER B 47 -6.14 -1.57 23.40
C SER B 47 -5.80 -1.52 21.90
N VAL B 48 -4.96 -0.56 21.48
CA VAL B 48 -4.69 -0.35 20.07
C VAL B 48 -4.02 -1.59 19.38
N SER B 49 -4.65 -2.03 18.29
CA SER B 49 -4.21 -3.17 17.50
C SER B 49 -3.82 -2.73 16.07
N TYR B 50 -3.32 -3.69 15.25
CA TYR B 50 -3.02 -3.42 13.86
C TYR B 50 -4.28 -3.00 13.11
N THR B 51 -5.39 -3.73 13.29
CA THR B 51 -6.62 -3.43 12.56
C THR B 51 -7.15 -2.03 12.97
N ASP B 52 -7.01 -1.62 14.26
CA ASP B 52 -7.43 -0.27 14.66
C ASP B 52 -6.65 0.80 13.85
N LEU B 53 -5.33 0.66 13.80
CA LEU B 53 -4.48 1.61 13.10
C LEU B 53 -4.73 1.57 11.59
N ALA B 54 -4.80 0.36 11.00
CA ALA B 54 -5.03 0.25 9.56
C ALA B 54 -6.36 0.87 9.15
N THR B 55 -7.47 0.57 9.85
CA THR B 55 -8.78 1.12 9.44
C THR B 55 -8.80 2.67 9.58
N GLN B 56 -8.12 3.23 10.58
CA GLN B 56 -8.07 4.68 10.74
C GLN B 56 -7.18 5.32 9.66
N LEU B 57 -5.95 4.81 9.47
CA LEU B 57 -4.99 5.36 8.51
C LEU B 57 -5.42 5.16 7.06
N ASN B 58 -6.08 4.02 6.75
CA ASN B 58 -6.61 3.79 5.40
C ASN B 58 -7.79 4.74 5.09
N ASP B 59 -8.42 5.34 6.11
CA ASP B 59 -9.49 6.30 5.88
C ASP B 59 -8.94 7.74 5.62
N VAL B 60 -7.62 7.97 5.78
CA VAL B 60 -7.04 9.29 5.57
C VAL B 60 -7.03 9.61 4.07
N SER B 61 -7.84 10.60 3.68
CA SER B 61 -7.91 11.03 2.29
C SER B 61 -6.89 12.19 2.05
N ASP B 62 -6.90 12.80 0.83
CA ASP B 62 -6.04 13.91 0.40
C ASP B 62 -6.13 15.11 1.32
N PHE B 63 -7.31 15.37 1.88
CA PHE B 63 -7.52 16.53 2.73
C PHE B 63 -7.17 16.28 4.20
N GLY B 64 -6.72 15.09 4.56
CA GLY B 64 -6.36 14.77 5.92
C GLY B 64 -7.55 14.39 6.79
N LYS B 65 -7.26 13.92 7.99
CA LYS B 65 -8.29 13.44 8.90
C LYS B 65 -7.93 13.72 10.38
N MET B 66 -8.89 14.20 11.17
CA MET B 66 -8.68 14.41 12.60
C MET B 66 -8.82 13.08 13.32
N ILE B 67 -7.82 12.73 14.12
CA ILE B 67 -7.83 11.52 14.91
C ILE B 67 -7.44 11.90 16.34
N ILE B 68 -8.23 11.50 17.34
CA ILE B 68 -7.87 11.76 18.73
C ILE B 68 -7.08 10.56 19.30
N LEU B 69 -5.90 10.79 19.81
CA LEU B 69 -5.13 9.78 20.52
C LEU B 69 -5.58 9.84 21.98
N LYS B 70 -5.98 8.70 22.55
CA LYS B 70 -6.47 8.65 23.92
C LYS B 70 -5.77 7.61 24.74
N ASP B 71 -5.52 7.95 25.98
CA ASP B 71 -5.02 7.02 26.98
C ASP B 71 -5.44 7.52 28.35
N ASN B 72 -5.16 6.75 29.44
CA ASN B 72 -5.39 7.23 30.81
C ASN B 72 -4.59 8.53 31.04
N GLY B 73 -5.29 9.58 31.39
CA GLY B 73 -4.68 10.89 31.60
C GLY B 73 -4.08 11.55 30.37
N PHE B 74 -4.43 11.07 29.17
CA PHE B 74 -3.84 11.60 27.94
C PHE B 74 -4.84 11.73 26.79
N ASN B 75 -4.76 12.86 26.10
CA ASN B 75 -5.52 13.10 24.89
C ASN B 75 -4.69 13.98 23.96
N ARG B 76 -4.80 13.71 22.65
CA ARG B 76 -4.18 14.58 21.65
C ARG B 76 -5.01 14.53 20.37
N GLN B 77 -5.52 15.67 19.91
CA GLN B 77 -6.21 15.73 18.62
C GLN B 77 -5.16 15.96 17.58
N VAL B 78 -5.02 15.05 16.63
CA VAL B 78 -3.99 15.12 15.60
C VAL B 78 -4.63 15.22 14.21
N HIS B 79 -4.15 16.13 13.35
CA HIS B 79 -4.64 16.20 11.99
C HIS B 79 -3.66 15.38 11.16
N VAL B 80 -4.09 14.21 10.76
CA VAL B 80 -3.27 13.23 10.05
C VAL B 80 -3.37 13.39 8.56
N SER B 81 -2.22 13.40 7.91
CA SER B 81 -2.16 13.48 6.46
CA SER B 81 -2.14 13.49 6.46
C SER B 81 -1.24 12.40 5.90
N MET B 82 -1.53 11.97 4.69
CA MET B 82 -0.71 11.01 3.99
C MET B 82 0.62 11.68 3.63
N ASP B 83 1.74 11.00 3.83
CA ASP B 83 3.02 11.50 3.39
C ASP B 83 3.17 11.11 1.92
N LYS B 84 3.01 12.08 1.02
CA LYS B 84 3.13 11.85 -0.41
C LYS B 84 4.56 12.06 -0.94
N ARG B 85 5.51 12.46 -0.08
CA ARG B 85 6.88 12.72 -0.50
C ARG B 85 7.73 11.45 -0.54
N THR B 86 7.48 10.51 0.38
CA THR B 86 8.31 9.33 0.52
C THR B 86 7.60 8.05 0.12
N LYS B 87 8.32 7.23 -0.61
CA LYS B 87 7.87 5.91 -0.99
C LYS B 87 8.78 4.88 -0.32
N ILE B 88 8.22 3.78 0.16
CA ILE B 88 8.98 2.72 0.79
C ILE B 88 8.51 1.35 0.35
N GLN B 89 9.44 0.49 -0.05
CA GLN B 89 9.16 -0.91 -0.21
C GLN B 89 10.18 -1.69 0.63
N LEU B 90 9.72 -2.67 1.38
CA LEU B 90 10.60 -3.57 2.16
C LEU B 90 10.42 -4.92 1.55
N ASP B 91 11.38 -5.38 0.75
CA ASP B 91 11.31 -6.66 0.03
C ASP B 91 10.01 -6.68 -0.84
N ASN B 92 9.73 -5.53 -1.50
CA ASN B 92 8.57 -5.28 -2.36
C ASN B 92 7.25 -5.04 -1.61
N GLU B 93 7.26 -5.03 -0.28
CA GLU B 93 6.06 -4.75 0.51
C GLU B 93 5.92 -3.25 0.68
N ASN B 94 4.81 -2.70 0.22
CA ASN B 94 4.59 -1.27 0.25
C ASN B 94 4.31 -0.74 1.65
N VAL B 95 5.08 0.26 2.06
CA VAL B 95 4.93 0.86 3.35
C VAL B 95 4.58 2.35 3.17
N ARG B 96 3.47 2.76 3.77
CA ARG B 96 3.00 4.14 3.68
C ARG B 96 3.25 4.91 4.96
N LEU B 97 3.65 6.17 4.81
CA LEU B 97 3.90 7.04 5.94
C LEU B 97 2.79 8.09 6.09
N PHE B 98 2.57 8.53 7.33
CA PHE B 98 1.55 9.51 7.68
C PHE B 98 2.14 10.49 8.67
N ASN B 99 1.76 11.75 8.54
CA ASN B 99 2.24 12.82 9.41
C ASN B 99 1.11 13.52 10.11
N GLY B 100 1.40 14.05 11.27
CA GLY B 100 0.51 14.99 11.93
C GLY B 100 0.98 16.39 11.54
N ARG B 101 0.30 17.43 12.02
CA ARG B 101 0.79 18.80 11.85
C ARG B 101 2.08 18.95 12.67
N ASP B 102 2.90 19.99 12.43
CA ASP B 102 4.15 20.18 13.19
C ASP B 102 3.91 20.18 14.71
N LYS B 103 2.84 20.85 15.17
CA LYS B 103 2.49 20.92 16.58
C LYS B 103 1.98 19.60 17.16
N ASP B 104 1.57 18.64 16.30
CA ASP B 104 1.06 17.36 16.78
C ASP B 104 2.17 16.42 17.24
N SER B 105 3.43 16.61 16.73
CA SER B 105 4.58 15.75 17.04
C SER B 105 4.20 14.25 16.92
N THR B 106 3.49 13.89 15.84
CA THR B 106 2.99 12.55 15.62
C THR B 106 3.27 12.08 14.18
N ASN B 107 3.69 10.82 14.03
CA ASN B 107 3.93 10.15 12.76
C ASN B 107 3.38 8.74 12.82
N PHE B 108 3.02 8.20 11.66
CA PHE B 108 2.55 6.84 11.56
C PHE B 108 3.26 6.14 10.42
N ILE B 109 3.27 4.81 10.50
CA ILE B 109 3.79 3.91 9.50
C ILE B 109 2.74 2.83 9.28
N LEU B 110 2.47 2.48 8.02
CA LEU B 110 1.50 1.43 7.76
C LEU B 110 1.93 0.55 6.60
N GLY B 111 2.13 -0.70 6.91
CA GLY B 111 2.36 -1.73 5.92
C GLY B 111 1.23 -2.76 6.05
N ASP B 112 1.16 -3.73 5.14
CA ASP B 112 0.19 -4.80 5.27
C ASP B 112 0.44 -5.65 6.55
N GLU B 113 1.72 -5.74 7.00
CA GLU B 113 2.07 -6.61 8.12
C GLU B 113 2.17 -5.93 9.46
N PHE B 114 2.30 -4.60 9.49
CA PHE B 114 2.51 -3.90 10.75
C PHE B 114 2.08 -2.45 10.64
N ALA B 115 1.88 -1.82 11.79
CA ALA B 115 1.59 -0.40 11.86
C ALA B 115 2.33 0.20 13.05
N VAL B 116 2.72 1.46 12.91
CA VAL B 116 3.40 2.17 13.96
C VAL B 116 2.76 3.53 14.16
N LEU B 117 2.57 3.88 15.43
CA LEU B 117 2.19 5.20 15.85
C LEU B 117 3.32 5.66 16.72
N ARG B 118 3.88 6.82 16.43
CA ARG B 118 4.94 7.35 17.25
CA ARG B 118 4.89 7.32 17.34
C ARG B 118 4.72 8.83 17.52
N PHE B 119 4.75 9.21 18.79
CA PHE B 119 4.54 10.59 19.18
C PHE B 119 5.45 10.97 20.33
N TYR B 120 5.58 12.27 20.52
CA TYR B 120 6.39 12.89 21.54
CA TYR B 120 6.40 12.92 21.50
C TYR B 120 5.52 13.43 22.64
N ARG B 121 5.85 13.08 23.87
CA ARG B 121 5.08 13.56 25.01
C ARG B 121 6.06 13.88 26.11
N ASN B 122 6.06 15.14 26.57
CA ASN B 122 6.97 15.63 27.62
C ASN B 122 8.42 15.27 27.31
N GLY B 123 8.81 15.54 26.07
CA GLY B 123 10.17 15.32 25.61
C GLY B 123 10.60 13.89 25.41
N GLU B 124 9.66 12.94 25.28
CA GLU B 124 10.01 11.53 25.13
C GLU B 124 9.31 10.90 23.95
N SER B 125 10.02 10.00 23.26
CA SER B 125 9.50 9.31 22.08
C SER B 125 8.80 8.01 22.46
N ILE B 126 7.50 7.94 22.14
CA ILE B 126 6.69 6.78 22.46
C ILE B 126 6.18 6.12 21.18
N SER B 127 6.45 4.83 21.03
CA SER B 127 5.98 4.08 19.87
C SER B 127 4.99 3.02 20.28
N TYR B 128 3.95 2.88 19.49
CA TYR B 128 2.96 1.82 19.54
C TYR B 128 3.22 1.02 18.29
N ILE B 129 3.65 -0.22 18.46
CA ILE B 129 4.00 -1.09 17.36
C ILE B 129 3.04 -2.27 17.35
N ALA B 130 2.30 -2.40 16.26
CA ALA B 130 1.30 -3.46 16.16
C ALA B 130 1.51 -4.28 14.90
N TYR B 131 1.66 -5.59 15.05
CA TYR B 131 1.80 -6.45 13.87
C TYR B 131 0.44 -7.14 13.62
N LYS B 132 0.10 -7.30 12.35
CA LYS B 132 -1.18 -7.92 11.98
C LYS B 132 -1.28 -9.40 12.41
N GLU B 133 -0.27 -10.21 12.10
CA GLU B 133 -0.30 -11.64 12.38
C GLU B 133 -0.02 -11.93 13.85
N ALA B 134 -0.78 -12.87 14.44
CA ALA B 134 -0.63 -13.24 15.85
C ALA B 134 0.78 -13.77 16.13
N GLN B 135 1.32 -14.68 15.30
CA GLN B 135 2.66 -15.24 15.51
C GLN B 135 3.71 -14.14 15.53
N MET B 136 3.66 -13.22 14.54
CA MET B 136 4.64 -12.16 14.46
C MET B 136 4.46 -11.16 15.60
N MET B 137 3.21 -10.87 15.98
CA MET B 137 2.96 -9.96 17.10
C MET B 137 3.52 -10.56 18.40
N ASN B 138 3.33 -11.86 18.61
CA ASN B 138 3.86 -12.55 19.79
C ASN B 138 5.39 -12.52 19.76
N GLU B 139 5.98 -12.81 18.60
CA GLU B 139 7.44 -12.77 18.44
C GLU B 139 8.00 -11.36 18.75
N ILE B 140 7.35 -10.32 18.23
CA ILE B 140 7.75 -8.92 18.44
C ILE B 140 7.62 -8.55 19.91
N ALA B 141 6.50 -8.92 20.56
CA ALA B 141 6.27 -8.64 21.98
C ALA B 141 7.35 -9.31 22.82
N GLU B 142 7.70 -10.56 22.51
CA GLU B 142 8.73 -11.29 23.25
C GLU B 142 10.10 -10.64 23.02
N PHE B 143 10.39 -10.26 21.77
CA PHE B 143 11.65 -9.61 21.41
C PHE B 143 11.86 -8.33 22.23
N TYR B 144 10.85 -7.47 22.30
CA TYR B 144 10.94 -6.23 23.03
C TYR B 144 10.88 -6.42 24.54
N ALA B 145 10.20 -7.48 25.03
CA ALA B 145 10.13 -7.74 26.48
C ALA B 145 11.44 -8.30 27.03
N ALA B 146 12.13 -9.17 26.26
CA ALA B 146 13.33 -9.89 26.68
C ALA B 146 14.41 -9.04 27.40
N PRO B 147 14.81 -7.81 26.94
CA PRO B 147 15.83 -7.07 27.69
C PRO B 147 15.38 -6.62 29.09
N PHE B 148 14.07 -6.49 29.31
CA PHE B 148 13.55 -6.00 30.59
C PHE B 148 13.37 -7.09 31.66
N LYS B 149 13.52 -8.37 31.31
CA LYS B 149 13.26 -9.44 32.27
C LYS B 149 14.41 -9.63 33.27
N LYS B 150 15.66 -9.29 32.89
CA LYS B 150 16.77 -9.41 33.83
C LYS B 150 16.79 -8.22 34.80
N THR B 151 16.43 -7.02 34.31
CA THR B 151 16.41 -5.82 35.15
C THR B 151 15.24 -5.89 36.13
N ARG B 152 14.05 -6.24 35.61
CA ARG B 152 12.78 -6.34 36.35
C ARG B 152 12.54 -5.08 37.19
N ALA B 153 12.52 -3.92 36.52
CA ALA B 153 12.34 -2.62 37.18
C ALA B 153 10.92 -2.45 37.74
N ILE B 154 10.75 -1.57 38.74
CA ILE B 154 9.43 -1.33 39.33
C ILE B 154 8.58 -0.48 38.36
N ASN B 155 9.21 0.47 37.66
CA ASN B 155 8.52 1.37 36.72
C ASN B 155 8.67 0.89 35.27
N GLU B 156 8.68 -0.43 35.07
CA GLU B 156 8.88 -1.01 33.75
C GLU B 156 7.78 -0.61 32.78
N LYS B 157 6.52 -0.58 33.23
CA LYS B 157 5.35 -0.28 32.40
C LYS B 157 5.39 1.06 31.66
N GLU B 158 6.07 2.08 32.22
CA GLU B 158 6.20 3.38 31.55
C GLU B 158 7.20 3.32 30.38
N ALA B 159 8.18 2.39 30.43
CA ALA B 159 9.14 2.20 29.37
C ALA B 159 8.63 1.18 28.36
N PHE B 160 8.01 0.09 28.83
CA PHE B 160 7.58 -0.99 27.97
C PHE B 160 6.31 -1.61 28.49
N GLU B 161 5.34 -1.85 27.58
CA GLU B 161 4.10 -2.47 27.97
C GLU B 161 3.46 -3.23 26.83
N CYS B 162 3.06 -4.47 27.11
CA CYS B 162 2.28 -5.26 26.16
C CYS B 162 0.86 -4.76 26.25
N ILE B 163 0.25 -4.45 25.11
CA ILE B 163 -1.12 -3.96 25.10
C ILE B 163 -2.04 -5.08 24.66
N TYR B 164 -3.17 -5.25 25.35
CA TYR B 164 -4.13 -6.31 25.05
C TYR B 164 -5.49 -5.72 24.62
N ASP B 165 -6.34 -6.52 23.95
CA ASP B 165 -7.65 -6.04 23.50
C ASP B 165 -8.56 -5.74 24.70
N SER B 166 -9.52 -4.82 24.54
CA SER B 166 -10.42 -4.40 25.61
C SER B 166 -11.46 -5.45 26.03
N ARG B 167 -11.65 -6.49 25.20
CA ARG B 167 -12.61 -7.55 25.49
C ARG B 167 -11.99 -8.58 26.43
N GLY B 172 -5.33 -18.00 26.63
CA GLY B 172 -5.34 -16.68 27.24
C GLY B 172 -5.19 -15.55 26.24
N LYS B 173 -5.07 -14.30 26.72
CA LYS B 173 -4.94 -13.17 25.81
C LYS B 173 -3.52 -13.02 25.26
N TYR B 174 -3.44 -12.64 23.99
CA TYR B 174 -2.17 -12.37 23.33
C TYR B 174 -2.14 -10.87 23.00
N PRO B 175 -0.97 -10.22 23.11
CA PRO B 175 -0.92 -8.78 22.84
C PRO B 175 -1.34 -8.40 21.42
N VAL B 176 -1.96 -7.23 21.30
CA VAL B 176 -2.36 -6.64 20.01
C VAL B 176 -1.34 -5.56 19.57
N SER B 177 -0.46 -5.10 20.49
CA SER B 177 0.60 -4.14 20.22
C SER B 177 1.53 -4.02 21.43
N VAL B 178 2.64 -3.31 21.25
CA VAL B 178 3.56 -2.99 22.34
C VAL B 178 3.76 -1.48 22.36
N LYS B 179 3.89 -0.95 23.57
CA LYS B 179 4.18 0.45 23.82
C LYS B 179 5.62 0.51 24.28
N ILE B 180 6.44 1.30 23.60
CA ILE B 180 7.82 1.49 24.00
C ILE B 180 8.15 2.98 24.06
N ASN B 181 8.53 3.41 25.24
CA ASN B 181 9.05 4.75 25.44
C ASN B 181 10.55 4.53 25.45
N VAL B 182 11.22 4.84 24.36
CA VAL B 182 12.65 4.62 24.20
CA VAL B 182 12.65 4.57 24.23
C VAL B 182 13.49 5.38 25.24
N ASP B 183 13.10 6.61 25.56
CA ASP B 183 13.83 7.41 26.55
C ASP B 183 13.76 6.78 27.95
N LYS B 184 12.57 6.30 28.36
CA LYS B 184 12.44 5.65 29.65
C LYS B 184 13.12 4.27 29.60
N ALA B 185 13.05 3.56 28.46
CA ALA B 185 13.68 2.25 28.29
C ALA B 185 15.20 2.35 28.47
N LYS B 186 15.84 3.39 27.91
CA LYS B 186 17.28 3.62 28.01
C LYS B 186 17.72 3.81 29.46
N LYS B 187 16.86 4.40 30.31
CA LYS B 187 17.15 4.63 31.72
C LYS B 187 17.02 3.35 32.56
N ILE B 188 16.24 2.37 32.11
CA ILE B 188 16.05 1.12 32.84
C ILE B 188 17.11 0.11 32.39
N LEU B 189 17.37 0.03 31.09
CA LEU B 189 18.36 -0.89 30.56
C LEU B 189 19.77 -0.36 30.81
N ASN B 190 20.76 -1.26 30.89
CA ASN B 190 22.14 -0.85 31.07
C ASN B 190 22.83 -1.01 29.74
N LEU B 191 22.33 -0.28 28.74
CA LEU B 191 22.89 -0.37 27.39
C LEU B 191 24.20 0.36 27.32
N PRO B 192 25.22 -0.25 26.70
CA PRO B 192 26.50 0.46 26.57
C PRO B 192 26.32 1.68 25.65
N GLU B 193 26.97 2.78 25.99
CA GLU B 193 26.86 4.03 25.24
C GLU B 193 27.35 3.89 23.79
N CYS B 194 26.43 3.86 22.84
CA CYS B 194 26.73 3.81 21.42
C CYS B 194 26.78 5.25 20.91
N ASP B 195 27.81 5.60 20.10
CA ASP B 195 27.96 6.99 19.65
C ASP B 195 28.31 7.14 18.13
N TYR B 196 28.55 8.40 17.68
CA TYR B 196 28.86 8.77 16.30
C TYR B 196 30.28 9.32 16.13
N ILE B 197 31.18 9.12 17.12
CA ILE B 197 32.53 9.67 17.01
C ILE B 197 33.27 8.96 15.86
N ASN B 198 33.77 9.72 14.88
CA ASN B 198 34.48 9.21 13.70
C ASN B 198 33.57 8.33 12.81
N ASP B 199 32.28 8.66 12.73
CA ASP B 199 31.35 7.86 11.93
C ASP B 199 31.24 8.36 10.48
N TYR B 200 32.31 8.93 9.96
CA TYR B 200 32.32 9.41 8.58
C TYR B 200 33.70 9.28 7.99
N ILE B 201 33.77 8.97 6.70
CA ILE B 201 35.05 8.87 6.02
C ILE B 201 35.08 9.94 4.93
N LYS B 202 36.14 10.77 4.92
CA LYS B 202 36.28 11.81 3.91
C LYS B 202 36.81 11.20 2.62
N THR B 203 36.32 11.70 1.49
CA THR B 203 36.76 11.20 0.19
C THR B 203 37.35 12.36 -0.62
N SER B 220 9.57 22.20 -11.10
CA SER B 220 8.15 21.86 -11.02
C SER B 220 7.95 20.47 -10.42
N GLU B 221 8.86 19.54 -10.73
CA GLU B 221 8.77 18.18 -10.24
C GLU B 221 10.01 17.84 -9.44
N PRO B 222 9.85 17.39 -8.19
CA PRO B 222 11.04 17.00 -7.41
C PRO B 222 11.75 15.81 -8.05
N LYS B 223 13.05 15.73 -7.85
CA LYS B 223 13.83 14.62 -8.35
C LYS B 223 13.62 13.41 -7.44
N THR B 224 13.39 12.25 -8.02
CA THR B 224 13.25 11.03 -7.23
C THR B 224 14.65 10.49 -6.98
N VAL B 225 14.98 10.30 -5.72
CA VAL B 225 16.25 9.74 -5.35
C VAL B 225 15.98 8.46 -4.55
N TYR B 226 16.46 7.34 -5.06
CA TYR B 226 16.31 6.08 -4.36
C TYR B 226 17.35 5.95 -3.25
N VAL B 227 16.90 5.46 -2.10
CA VAL B 227 17.73 5.11 -0.96
C VAL B 227 17.63 3.58 -0.86
N ILE B 228 18.60 2.91 -1.47
CA ILE B 228 18.64 1.47 -1.56
C ILE B 228 19.30 0.90 -0.32
N CYS B 229 18.49 0.29 0.51
CA CYS B 229 18.92 -0.32 1.75
C CYS B 229 19.04 -1.80 1.54
N LEU B 230 20.14 -2.35 2.02
CA LEU B 230 20.45 -3.74 1.83
C LEU B 230 20.70 -4.38 3.15
N ARG B 231 19.90 -5.38 3.46
CA ARG B 231 19.98 -6.20 4.64
C ARG B 231 21.23 -7.02 4.53
N GLU B 232 22.18 -6.75 5.42
CA GLU B 232 23.45 -7.44 5.44
C GLU B 232 23.26 -8.96 5.57
N ASN B 233 24.07 -9.73 4.86
CA ASN B 233 24.02 -11.19 4.86
C ASN B 233 24.15 -11.72 6.31
N GLY B 234 23.19 -12.53 6.76
CA GLY B 234 23.18 -13.06 8.11
C GLY B 234 22.50 -12.18 9.14
N SER B 235 21.98 -11.01 8.71
CA SER B 235 21.33 -10.11 9.64
C SER B 235 19.82 -10.24 9.58
N THR B 236 19.18 -10.04 10.74
CA THR B 236 17.74 -10.06 10.86
C THR B 236 17.30 -8.66 11.30
N VAL B 237 16.38 -8.04 10.54
CA VAL B 237 15.85 -6.73 10.83
C VAL B 237 14.31 -6.78 10.88
N TYR B 238 13.71 -5.86 11.65
CA TYR B 238 12.25 -5.83 11.80
C TYR B 238 11.68 -4.70 10.99
N PRO B 239 10.59 -4.94 10.25
CA PRO B 239 10.03 -3.89 9.37
C PRO B 239 9.64 -2.59 10.10
N ASN B 240 9.05 -2.66 11.31
CA ASN B 240 8.72 -1.44 12.05
C ASN B 240 10.00 -0.61 12.33
N GLU B 241 11.12 -1.29 12.59
CA GLU B 241 12.38 -0.66 12.93
C GLU B 241 13.03 -0.05 11.74
N VAL B 242 13.07 -0.78 10.60
CA VAL B 242 13.69 -0.26 9.39
C VAL B 242 12.90 0.96 8.88
N SER B 243 11.57 0.83 8.85
CA SER B 243 10.74 1.90 8.32
CA SER B 243 10.69 1.90 8.36
C SER B 243 10.82 3.16 9.20
N ALA B 244 10.97 3.03 10.52
CA ALA B 244 11.10 4.19 11.40
C ALA B 244 12.40 4.95 11.11
N GLN B 245 13.51 4.22 10.84
CA GLN B 245 14.76 4.85 10.47
C GLN B 245 14.62 5.61 9.15
N MET B 246 13.94 4.99 8.16
CA MET B 246 13.70 5.60 6.85
C MET B 246 12.86 6.86 6.97
N GLN B 247 11.77 6.78 7.77
CA GLN B 247 10.87 7.89 7.98
C GLN B 247 11.61 9.06 8.62
N ASP B 248 12.39 8.81 9.67
CA ASP B 248 13.15 9.86 10.35
C ASP B 248 14.23 10.44 9.43
N ALA B 249 14.87 9.58 8.61
CA ALA B 249 15.89 10.03 7.67
C ALA B 249 15.26 10.98 6.63
N ALA B 250 14.13 10.57 6.00
CA ALA B 250 13.46 11.39 5.02
C ALA B 250 12.94 12.69 5.61
N ASN B 251 12.31 12.63 6.81
CA ASN B 251 11.76 13.84 7.42
C ASN B 251 12.84 14.80 7.87
N SER B 252 14.06 14.32 8.18
CA SER B 252 15.15 15.23 8.55
C SER B 252 15.59 16.05 7.31
N VAL B 253 15.41 15.50 6.09
CA VAL B 253 15.75 16.20 4.87
C VAL B 253 14.65 17.20 4.49
N TYR B 254 13.38 16.76 4.47
CA TYR B 254 12.28 17.66 4.09
C TYR B 254 12.10 18.85 5.02
N ALA B 255 12.44 18.69 6.31
CA ALA B 255 12.34 19.82 7.27
C ALA B 255 13.33 20.95 6.94
N VAL B 256 14.33 20.70 6.09
CA VAL B 256 15.33 21.69 5.71
C VAL B 256 14.95 22.39 4.40
N HIS B 257 14.94 23.74 4.40
CA HIS B 257 14.73 24.62 3.25
C HIS B 257 13.64 24.15 2.23
N GLY B 258 12.49 23.66 2.72
CA GLY B 258 11.41 23.15 1.87
C GLY B 258 11.89 22.18 0.80
N LEU B 259 12.81 21.26 1.19
CA LEU B 259 13.48 20.36 0.24
C LEU B 259 12.57 19.35 -0.47
N LYS B 260 11.29 19.19 -0.04
CA LYS B 260 10.37 18.32 -0.79
C LYS B 260 10.15 18.88 -2.24
N ARG B 261 10.42 20.18 -2.48
CA ARG B 261 10.31 20.75 -3.82
C ARG B 261 11.42 20.20 -4.76
N TYR B 262 12.54 19.75 -4.19
CA TYR B 262 13.73 19.30 -4.90
C TYR B 262 13.90 17.81 -4.92
N VAL B 263 13.48 17.12 -3.85
CA VAL B 263 13.70 15.69 -3.76
C VAL B 263 12.51 14.97 -3.13
N ASN B 264 12.24 13.79 -3.63
CA ASN B 264 11.31 12.82 -3.10
C ASN B 264 12.14 11.56 -2.92
N LEU B 265 12.24 11.07 -1.69
CA LEU B 265 13.05 9.89 -1.41
C LEU B 265 12.23 8.61 -1.57
N HIS B 266 12.82 7.64 -2.26
CA HIS B 266 12.19 6.35 -2.46
C HIS B 266 13.09 5.29 -1.86
N PHE B 267 12.70 4.79 -0.68
CA PHE B 267 13.44 3.74 0.00
C PHE B 267 13.01 2.38 -0.48
N VAL B 268 13.98 1.50 -0.69
CA VAL B 268 13.73 0.11 -1.03
C VAL B 268 14.63 -0.74 -0.14
N LEU B 269 14.19 -1.94 0.18
CA LEU B 269 14.97 -2.85 0.99
C LEU B 269 15.04 -4.20 0.31
N TYR B 270 16.27 -4.69 0.15
CA TYR B 270 16.56 -6.01 -0.40
C TYR B 270 17.64 -6.66 0.48
N THR B 271 17.97 -7.93 0.24
CA THR B 271 19.05 -8.59 0.97
C THR B 271 20.29 -8.60 0.08
N THR B 272 21.46 -8.40 0.68
CA THR B 272 22.70 -8.52 -0.07
C THR B 272 23.48 -9.73 0.44
N GLU B 273 24.34 -10.24 -0.42
CA GLU B 273 25.29 -11.30 -0.06
C GLU B 273 26.45 -10.74 0.76
N TYR B 274 26.69 -9.42 0.69
CA TYR B 274 27.78 -8.81 1.42
C TYR B 274 27.55 -8.87 2.93
N ALA B 275 28.61 -9.19 3.64
CA ALA B 275 28.64 -9.12 5.08
C ALA B 275 29.94 -8.43 5.45
N CYS B 276 29.96 -7.52 6.43
CA CYS B 276 31.21 -6.88 6.87
C CYS B 276 32.20 -7.95 7.31
N PRO B 277 33.44 -7.92 6.79
CA PRO B 277 34.39 -9.00 7.14
C PRO B 277 34.83 -9.03 8.60
N SER B 278 34.57 -7.96 9.35
CA SER B 278 34.96 -7.86 10.76
C SER B 278 33.92 -6.96 11.49
N GLY B 279 34.19 -6.64 12.75
CA GLY B 279 33.36 -5.71 13.48
C GLY B 279 33.71 -4.26 13.17
N ASN B 280 34.81 -4.00 12.41
CA ASN B 280 35.24 -2.62 12.12
C ASN B 280 34.34 -1.91 11.09
N ALA B 281 33.78 -0.74 11.48
CA ALA B 281 32.88 0.02 10.60
C ALA B 281 33.59 0.59 9.38
N ASP B 282 34.81 1.11 9.52
CA ASP B 282 35.56 1.65 8.37
C ASP B 282 35.83 0.58 7.31
N GLU B 283 36.33 -0.59 7.75
CA GLU B 283 36.58 -1.73 6.86
C GLU B 283 35.26 -2.22 6.25
N GLY B 284 34.20 -2.24 7.06
CA GLY B 284 32.87 -2.64 6.65
C GLY B 284 32.31 -1.77 5.54
N LEU B 285 32.44 -0.44 5.66
CA LEU B 285 31.94 0.49 4.65
C LEU B 285 32.79 0.39 3.39
N ASP B 286 34.14 0.22 3.52
CA ASP B 286 35.02 0.06 2.36
CA ASP B 286 34.97 0.09 2.33
C ASP B 286 34.54 -1.14 1.52
N GLY B 287 34.30 -2.26 2.20
CA GLY B 287 33.86 -3.48 1.55
C GLY B 287 32.47 -3.33 0.98
N PHE B 288 31.57 -2.62 1.68
CA PHE B 288 30.20 -2.46 1.20
C PHE B 288 30.17 -1.68 -0.11
N THR B 289 30.91 -0.57 -0.17
CA THR B 289 30.97 0.26 -1.37
C THR B 289 31.59 -0.55 -2.52
N ALA B 290 32.65 -1.34 -2.22
CA ALA B 290 33.26 -2.20 -3.25
C ALA B 290 32.26 -3.27 -3.72
N SER B 291 31.47 -3.86 -2.80
CA SER B 291 30.47 -4.88 -3.15
C SER B 291 29.41 -4.31 -4.12
N LEU B 292 29.02 -3.04 -3.95
CA LEU B 292 28.05 -2.37 -4.84
C LEU B 292 28.59 -2.24 -6.26
N LYS B 293 29.88 -1.87 -6.41
CA LYS B 293 30.52 -1.75 -7.73
C LYS B 293 30.64 -3.09 -8.46
N ALA B 294 30.70 -4.19 -7.72
CA ALA B 294 30.79 -5.53 -8.30
C ALA B 294 29.42 -6.25 -8.36
N ASN B 295 28.35 -5.61 -7.90
CA ASN B 295 27.02 -6.23 -7.87
C ASN B 295 26.23 -5.97 -9.17
N PRO B 296 25.90 -7.04 -9.93
CA PRO B 296 25.14 -6.85 -11.18
C PRO B 296 23.74 -6.26 -10.93
N LYS B 297 23.14 -6.51 -9.76
CA LYS B 297 21.83 -5.97 -9.44
C LYS B 297 21.86 -4.44 -9.24
N ALA B 298 23.03 -3.88 -8.87
CA ALA B 298 23.19 -2.43 -8.68
C ALA B 298 23.59 -1.71 -10.00
N GLU B 299 23.84 -2.45 -11.11
CA GLU B 299 24.21 -1.90 -12.42
C GLU B 299 23.22 -0.84 -12.90
N GLY B 300 23.71 0.35 -13.24
CA GLY B 300 22.85 1.44 -13.68
C GLY B 300 22.31 2.32 -12.56
N TYR B 301 22.62 2.00 -11.29
CA TYR B 301 22.13 2.78 -10.16
C TYR B 301 23.28 3.31 -9.27
N ASP B 302 24.43 3.60 -9.88
CA ASP B 302 25.59 4.12 -9.16
C ASP B 302 25.42 5.59 -8.68
N ASP B 303 24.37 6.26 -9.15
CA ASP B 303 24.06 7.63 -8.78
C ASP B 303 22.93 7.72 -7.72
N GLN B 304 22.63 6.62 -7.03
CA GLN B 304 21.60 6.62 -5.99
C GLN B 304 22.29 6.61 -4.60
N ILE B 305 21.51 6.55 -3.52
CA ILE B 305 22.05 6.47 -2.17
C ILE B 305 21.90 5.04 -1.66
N TYR B 306 22.92 4.52 -0.96
CA TYR B 306 22.92 3.16 -0.47
C TYR B 306 23.22 3.05 0.98
N PHE B 307 22.51 2.15 1.66
CA PHE B 307 22.78 1.85 3.05
C PHE B 307 22.86 0.37 3.27
N LEU B 308 23.90 -0.08 3.95
CA LEU B 308 23.94 -1.45 4.42
C LEU B 308 23.28 -1.40 5.79
N ILE B 309 22.26 -2.23 6.04
CA ILE B 309 21.59 -2.17 7.33
C ILE B 309 21.72 -3.50 8.05
N ARG B 310 21.70 -3.40 9.37
CA ARG B 310 21.73 -4.50 10.31
C ARG B 310 20.95 -4.06 11.56
N TRP B 311 20.70 -5.00 12.47
CA TRP B 311 20.04 -4.68 13.71
C TRP B 311 21.07 -4.10 14.68
N GLY B 312 22.23 -4.74 14.78
CA GLY B 312 23.27 -4.37 15.72
C GLY B 312 24.13 -3.18 15.35
N THR B 313 25.25 -3.08 16.04
CA THR B 313 26.19 -1.99 15.87
C THR B 313 27.58 -2.57 15.46
N TRP B 314 28.55 -1.68 15.21
CA TRP B 314 29.90 -2.05 14.86
C TRP B 314 30.82 -1.87 16.09
N ASP B 315 32.11 -2.21 15.96
CA ASP B 315 33.09 -2.07 17.05
C ASP B 315 33.13 -0.65 17.60
N ASN B 316 33.52 -0.48 18.86
CA ASN B 316 33.55 0.78 19.60
C ASN B 316 32.14 1.41 19.66
N ASN B 317 31.09 0.57 19.71
CA ASN B 317 29.67 0.97 19.73
C ASN B 317 29.37 2.02 18.65
N ILE B 318 29.87 1.78 17.44
CA ILE B 318 29.61 2.66 16.32
C ILE B 318 28.21 2.30 15.79
N LEU B 319 27.32 3.27 15.72
CA LEU B 319 25.93 3.08 15.29
C LEU B 319 25.77 3.04 13.75
N GLY B 320 26.67 3.69 13.07
CA GLY B 320 26.65 3.79 11.62
C GLY B 320 27.86 4.54 11.10
N ILE B 321 28.03 4.55 9.80
CA ILE B 321 29.16 5.24 9.16
C ILE B 321 28.76 5.59 7.72
N SER B 322 29.39 6.61 7.13
CA SER B 322 29.04 7.01 5.77
C SER B 322 30.19 7.79 5.11
N TRP B 323 30.15 7.87 3.77
CA TRP B 323 31.11 8.68 3.05
C TRP B 323 30.61 10.11 3.13
N LEU B 324 31.40 10.98 3.76
CA LEU B 324 31.02 12.37 3.95
C LEU B 324 30.93 13.14 2.64
N ASN B 325 29.82 13.89 2.42
CA ASN B 325 29.61 14.78 1.28
C ASN B 325 29.82 14.02 -0.02
N SER B 326 29.12 12.90 -0.15
CA SER B 326 29.25 11.98 -1.27
C SER B 326 28.02 11.97 -2.20
N TYR B 327 26.93 12.71 -1.85
CA TYR B 327 25.79 12.83 -2.74
C TYR B 327 25.55 14.29 -3.14
N ASN B 328 25.46 14.51 -4.45
CA ASN B 328 25.08 15.76 -5.07
C ASN B 328 24.18 15.37 -6.26
N VAL B 329 23.02 16.03 -6.44
CA VAL B 329 22.08 15.68 -7.52
C VAL B 329 22.69 15.78 -8.94
N ASN B 330 23.74 16.59 -9.13
CA ASN B 330 24.35 16.75 -10.45
C ASN B 330 25.51 15.79 -10.71
N THR B 331 26.28 15.43 -9.68
CA THR B 331 27.50 14.65 -9.87
C THR B 331 27.47 13.25 -9.26
N ALA B 332 26.35 12.80 -8.66
CA ALA B 332 26.27 11.47 -8.03
C ALA B 332 26.72 10.35 -8.96
N SER B 333 27.63 9.50 -8.49
CA SER B 333 28.22 8.42 -9.31
C SER B 333 29.03 7.44 -8.46
N ASP B 334 29.39 6.29 -9.08
CA ASP B 334 30.27 5.25 -8.55
C ASP B 334 29.92 4.76 -7.14
N PHE B 335 28.62 4.76 -6.79
CA PHE B 335 28.14 4.29 -5.50
C PHE B 335 28.80 5.02 -4.31
N LYS B 336 29.29 6.26 -4.55
CA LYS B 336 29.96 7.08 -3.54
C LYS B 336 29.04 7.41 -2.39
N ALA B 337 27.75 7.69 -2.69
CA ALA B 337 26.75 8.04 -1.65
C ALA B 337 26.28 6.78 -0.92
N SER B 338 27.20 6.19 -0.14
CA SER B 338 26.90 4.96 0.57
C SER B 338 27.31 5.06 2.04
N GLY B 339 26.62 4.29 2.84
CA GLY B 339 26.83 4.23 4.27
C GLY B 339 26.27 2.96 4.86
N MET B 340 26.39 2.85 6.17
CA MET B 340 25.90 1.72 6.94
C MET B 340 25.14 2.28 8.13
N SER B 341 24.14 1.54 8.59
CA SER B 341 23.33 2.02 9.68
C SER B 341 22.71 0.91 10.47
N THR B 342 22.69 1.09 11.79
CA THR B 342 21.89 0.23 12.64
C THR B 342 20.41 0.60 12.38
N THR B 343 19.50 -0.32 12.68
CA THR B 343 18.07 -0.04 12.57
C THR B 343 17.34 -0.33 13.90
N GLN B 344 18.06 -0.68 14.98
CA GLN B 344 17.41 -1.01 16.24
C GLN B 344 16.62 0.19 16.80
N LEU B 345 15.46 -0.12 17.34
CA LEU B 345 14.48 0.82 17.86
C LEU B 345 15.05 1.83 18.87
N MET B 346 15.94 1.38 19.75
CA MET B 346 16.51 2.23 20.80
C MET B 346 17.42 3.34 20.30
N TYR B 347 17.81 3.32 19.01
CA TYR B 347 18.64 4.39 18.48
C TYR B 347 17.96 5.05 17.27
N PRO B 348 16.85 5.78 17.49
CA PRO B 348 16.20 6.46 16.36
C PRO B 348 17.07 7.57 15.78
N GLY B 349 16.96 7.76 14.47
CA GLY B 349 17.69 8.81 13.79
C GLY B 349 19.11 8.51 13.34
N VAL B 350 19.60 7.25 13.48
CA VAL B 350 20.95 6.92 13.04
C VAL B 350 21.05 7.03 11.53
N MET B 351 20.06 6.47 10.80
CA MET B 351 20.06 6.56 9.34
C MET B 351 19.93 8.04 8.91
N ALA B 352 19.12 8.85 9.65
CA ALA B 352 18.98 10.28 9.40
C ALA B 352 20.34 10.99 9.54
N HIS B 353 21.11 10.65 10.59
CA HIS B 353 22.44 11.21 10.87
C HIS B 353 23.43 10.83 9.76
N GLU B 354 23.42 9.55 9.34
CA GLU B 354 24.30 9.08 8.26
C GLU B 354 23.92 9.69 6.90
N LEU B 355 22.62 9.80 6.62
CA LEU B 355 22.11 10.48 5.41
C LEU B 355 22.55 11.97 5.42
N GLY B 356 22.59 12.57 6.62
CA GLY B 356 23.09 13.93 6.82
C GLY B 356 24.53 14.06 6.35
N HIS B 357 25.41 13.15 6.80
CA HIS B 357 26.81 13.13 6.38
C HIS B 357 26.93 12.93 4.88
N ILE B 358 26.16 12.00 4.28
CA ILE B 358 26.19 11.74 2.84
C ILE B 358 25.81 13.01 2.04
N LEU B 359 24.85 13.80 2.58
CA LEU B 359 24.43 15.06 1.97
C LEU B 359 25.38 16.25 2.30
N GLY B 360 26.50 15.99 2.98
CA GLY B 360 27.51 16.99 3.30
C GLY B 360 27.50 17.59 4.69
N ALA B 361 26.57 17.18 5.55
CA ALA B 361 26.50 17.74 6.90
C ALA B 361 27.67 17.26 7.76
N ASN B 362 28.31 18.19 8.46
CA ASN B 362 29.38 17.89 9.40
C ASN B 362 28.78 17.77 10.80
N HIS B 363 29.60 17.34 11.79
CA HIS B 363 29.13 17.31 13.16
C HIS B 363 28.86 18.74 13.66
N ALA B 364 27.74 18.93 14.34
CA ALA B 364 27.33 20.24 14.86
C ALA B 364 27.64 20.33 16.35
N ASP B 365 27.79 21.56 16.86
CA ASP B 365 28.13 21.81 18.26
C ASP B 365 26.91 21.85 19.19
N ASP B 366 25.70 22.05 18.66
CA ASP B 366 24.50 22.07 19.50
C ASP B 366 24.17 20.64 19.93
N PRO B 367 24.14 20.37 21.25
CA PRO B 367 23.83 19.02 21.72
C PRO B 367 22.41 18.55 21.35
N LYS B 368 21.54 19.44 20.85
CA LYS B 368 20.19 19.06 20.42
C LYS B 368 20.11 18.84 18.89
N ASP B 369 21.23 18.93 18.19
CA ASP B 369 21.26 18.74 16.76
C ASP B 369 21.32 17.27 16.44
N LEU B 370 20.63 16.85 15.37
CA LEU B 370 20.73 15.48 14.84
C LEU B 370 22.23 15.14 14.55
N MET B 371 22.98 16.13 14.08
CA MET B 371 24.37 15.97 13.70
C MET B 371 25.34 16.22 14.83
N TYR B 372 24.89 16.21 16.10
CA TYR B 372 25.82 16.29 17.24
C TYR B 372 26.71 15.03 17.21
N SER B 373 28.00 15.19 17.59
CA SER B 373 28.97 14.09 17.55
C SER B 373 28.61 12.93 18.47
N LYS B 374 27.77 13.17 19.49
CA LYS B 374 27.30 12.10 20.34
C LYS B 374 25.86 11.74 19.97
N TYR B 375 25.49 10.48 20.17
CA TYR B 375 24.12 10.07 19.91
C TYR B 375 23.19 10.72 20.95
N THR B 376 22.10 11.38 20.50
CA THR B 376 21.18 12.05 21.43
C THR B 376 19.72 11.65 21.30
N GLY B 377 19.31 11.21 20.13
CA GLY B 377 17.90 10.93 19.88
C GLY B 377 17.16 12.11 19.26
N TYR B 378 17.86 13.23 19.00
CA TYR B 378 17.25 14.38 18.32
C TYR B 378 17.26 14.07 16.82
N LEU B 379 16.18 14.45 16.13
CA LEU B 379 16.00 14.01 14.75
C LEU B 379 16.05 15.09 13.68
N PHE B 380 16.41 16.32 14.06
CA PHE B 380 16.42 17.40 13.09
C PHE B 380 17.71 18.17 13.07
N HIS B 381 18.09 18.61 11.86
CA HIS B 381 19.21 19.50 11.64
C HIS B 381 18.87 20.84 12.24
N LEU B 382 19.75 21.37 13.08
CA LEU B 382 19.57 22.70 13.68
C LEU B 382 20.62 23.68 13.13
N SER B 383 21.77 23.15 12.65
CA SER B 383 22.89 23.92 12.09
C SER B 383 22.53 24.52 10.75
N GLU B 384 22.53 25.86 10.66
CA GLU B 384 22.25 26.58 9.42
C GLU B 384 23.32 26.30 8.37
N LYS B 385 24.59 26.13 8.78
CA LYS B 385 25.64 25.77 7.85
C LYS B 385 25.35 24.40 7.21
N ASN B 386 24.95 23.42 8.03
CA ASN B 386 24.63 22.08 7.54
C ASN B 386 23.40 22.10 6.65
N MET B 387 22.38 22.89 7.03
CA MET B 387 21.17 22.99 6.26
C MET B 387 21.44 23.56 4.86
N ASP B 388 22.35 24.54 4.76
CA ASP B 388 22.68 25.13 3.48
C ASP B 388 23.48 24.13 2.63
N ILE B 389 24.44 23.40 3.23
CA ILE B 389 25.23 22.41 2.50
C ILE B 389 24.32 21.30 1.93
N ILE B 390 23.45 20.73 2.78
CA ILE B 390 22.54 19.66 2.40
C ILE B 390 21.62 20.13 1.28
N ALA B 391 20.97 21.29 1.45
CA ALA B 391 20.03 21.80 0.47
C ALA B 391 20.73 22.12 -0.85
N LYS B 392 21.94 22.72 -0.82
CA LYS B 392 22.68 23.01 -2.06
C LYS B 392 23.05 21.70 -2.80
N ASN B 393 23.41 20.63 -2.07
CA ASN B 393 23.72 19.35 -2.69
C ASN B 393 22.47 18.70 -3.35
N LEU B 394 21.26 19.14 -2.97
CA LEU B 394 20.01 18.66 -3.56
C LEU B 394 19.41 19.64 -4.61
N GLY B 395 20.18 20.64 -5.03
CA GLY B 395 19.76 21.58 -6.08
C GLY B 395 19.17 22.90 -5.63
N TRP B 396 19.07 23.12 -4.31
CA TRP B 396 18.51 24.35 -3.78
C TRP B 396 19.54 25.48 -3.81
N GLU B 397 19.04 26.71 -3.95
CA GLU B 397 19.80 27.95 -3.92
C GLU B 397 19.13 28.94 -2.96
N ILE B 398 19.90 29.84 -2.34
CA ILE B 398 19.37 30.82 -1.39
C ILE B 398 18.24 31.66 -2.02
N ALA B 399 18.39 32.07 -3.30
CA ALA B 399 17.38 32.87 -3.98
C ALA B 399 16.02 32.16 -4.10
N ASP B 400 15.99 30.83 -3.98
CA ASP B 400 14.74 30.07 -4.05
C ASP B 400 13.87 30.17 -2.80
N GLY B 401 14.46 30.62 -1.67
CA GLY B 401 13.73 30.69 -0.42
C GLY B 401 13.39 29.32 0.13
N ASP B 402 12.48 29.27 1.10
CA ASP B 402 12.08 28.02 1.73
C ASP B 402 10.68 27.57 1.27
ZN ZN C . -29.17 -5.84 -14.42
CAI 6JP D . -18.37 -3.40 8.43
CAH 6JP D . -19.02 -4.65 8.32
OAT 6JP D . -20.19 -4.64 7.91
CAE 6JP D . -18.36 -5.85 8.63
CAD 6JP D . -18.98 -7.11 8.59
OAU 6JP D . -20.30 -7.18 8.25
CAC 6JP D . -18.26 -8.28 8.86
CAB 6JP D . -16.91 -8.22 9.19
OAV 6JP D . -16.23 -9.37 9.50
CAA 6JP D . -16.28 -6.99 9.29
CAF 6JP D . -16.97 -5.83 8.96
OAG 6JP D . -16.36 -4.60 9.05
CAJ 6JP D . -16.89 -3.60 8.14
CAK 6JP D . -16.11 -2.30 8.23
CAM 6JP D . -15.52 -1.91 9.42
CAL 6JP D . -14.78 -0.72 9.45
OAQ 6JP D . -14.18 -0.28 10.60
CAP 6JP D . -14.62 0.05 8.29
OAR 6JP D . -13.90 1.20 8.37
CAS 6JP D . -12.75 1.14 7.52
CAO 6JP D . -15.23 -0.36 7.10
CAN 6JP D . -15.94 -1.54 7.07
S DMS E . -10.51 -20.18 -5.94
O DMS E . -11.24 -21.31 -5.35
C1 DMS E . -10.13 -19.10 -4.58
C2 DMS E . -11.78 -19.10 -6.59
S DMS F . -14.49 -2.64 -21.98
O DMS F . -15.79 -1.89 -22.02
C1 DMS F . -13.17 -1.66 -22.71
C2 DMS F . -14.68 -3.90 -23.23
N PRO G . 8.96 -15.50 -9.28
CA PRO G . 7.99 -14.44 -9.15
C PRO G . 8.58 -13.03 -8.91
O PRO G . 9.81 -12.88 -8.72
CB PRO G . 7.16 -14.91 -7.96
CG PRO G . 7.07 -16.35 -8.14
CD PRO G . 8.44 -16.75 -8.70
OXT PRO G . 7.80 -12.07 -8.98
N PRO H . -15.24 -8.25 -25.37
CA PRO H . -16.34 -8.61 -26.27
C PRO H . -15.85 -8.81 -27.73
O PRO H . -14.65 -9.06 -27.94
CB PRO H . -17.30 -7.43 -26.14
CG PRO H . -16.82 -6.62 -24.94
CD PRO H . -15.70 -7.36 -24.30
OXT PRO H . -16.70 -8.77 -28.66
N PRO I . 9.74 -10.39 -25.46
CA PRO I . 10.50 -9.17 -25.82
C PRO I . 9.82 -8.37 -26.95
O PRO I . 10.25 -7.22 -27.21
CB PRO I . 11.88 -9.72 -26.25
CG PRO I . 11.87 -11.19 -25.90
CD PRO I . 10.44 -11.60 -25.90
OXT PRO I . 8.88 -8.87 -27.58
ZN ZN J . 28.39 11.64 12.58
CAI 6JP K . 19.55 -2.64 -6.55
CAH 6JP K . 20.48 -3.36 -5.78
OAT 6JP K . 21.56 -2.81 -5.54
CAE 6JP K . 20.19 -4.64 -5.28
CAD 6JP K . 21.10 -5.43 -4.56
OAU 6JP K . 22.34 -4.93 -4.33
CAC 6JP K . 20.76 -6.68 -4.05
CAB 6JP K . 19.49 -7.19 -4.24
OAV 6JP K . 19.17 -8.44 -3.77
CAA 6JP K . 18.56 -6.46 -5.00
CAF 6JP K . 18.90 -5.19 -5.46
OAG 6JP K . 17.99 -4.46 -6.21
CAJ 6JP K . 18.16 -3.04 -6.10
CAK 6JP K . 17.09 -2.29 -6.88
CAM 6JP K . 16.53 -2.83 -8.03
CAL 6JP K . 15.52 -2.14 -8.69
OAQ 6JP K . 14.95 -2.61 -9.83
CAP 6JP K . 15.07 -0.91 -8.20
OAR 6JP K . 14.08 -0.30 -8.90
CAS 6JP K . 14.46 1.02 -9.31
CAO 6JP K . 15.63 -0.39 -7.03
CAN 6JP K . 16.62 -1.09 -6.36
S DMS L . 7.70 14.47 15.39
O DMS L . 7.00 13.20 15.58
C1 DMS L . 7.03 15.13 13.92
C2 DMS L . 9.23 14.03 14.64
S DMS M . 12.82 14.79 18.17
O DMS M . 14.04 15.37 17.55
C1 DMS M . 13.23 13.39 19.10
C2 DMS M . 11.79 14.29 16.87
S DMS N . 15.16 13.27 23.80
O DMS N . 15.99 13.46 22.60
C1 DMS N . 14.80 14.89 24.34
C2 DMS N . 16.31 12.89 25.09
N PRO O . -4.60 -10.22 15.18
CA PRO O . -5.01 -8.89 15.65
C PRO O . -4.92 -7.80 14.51
O PRO O . -5.02 -6.57 14.80
CB PRO O . -4.04 -8.63 16.81
CG PRO O . -2.85 -9.50 16.52
CD PRO O . -3.43 -10.73 15.92
OXT PRO O . -4.81 -8.19 13.32
N PRO P . 0.77 6.53 26.58
CA PRO P . 2.11 6.88 27.06
C PRO P . 2.44 6.17 28.36
O PRO P . 3.36 5.32 28.36
CB PRO P . 2.02 8.40 27.25
CG PRO P . 0.98 8.84 26.33
CD PRO P . 0.05 7.70 26.06
OXT PRO P . 1.81 6.48 29.39
N PRO Q . 21.97 27.84 13.56
CA PRO Q . 21.03 27.90 14.69
C PRO Q . 21.14 29.26 15.41
O PRO Q . 21.55 29.29 16.60
CB PRO Q . 21.47 26.74 15.57
CG PRO Q . 22.92 26.55 15.26
CD PRO Q . 23.20 27.13 13.90
OXT PRO Q . 20.80 30.29 14.80
N PRO R . 25.22 26.85 16.75
CA PRO R . 25.88 26.30 15.56
C PRO R . 26.21 24.78 15.70
O PRO R . 25.70 24.13 16.64
CB PRO R . 27.15 27.16 15.45
CG PRO R . 26.79 28.45 16.10
CD PRO R . 25.79 28.14 17.17
OXT PRO R . 26.94 24.23 14.84
#